data_8ZW0
#
_entry.id   8ZW0
#
loop_
_entity.id
_entity.type
_entity.pdbx_description
1 polymer 'Guanine nucleotide-binding protein G(s) subunit alpha isoforms short'
2 polymer 'Guanine nucleotide-binding protein G(I)/G(S)/G(T) subunit beta-1'
3 polymer 'Soluble cytochrome b562,Prostaglandin D2 receptor'
4 polymer 'Guanine nucleotide-binding protein G(I)/G(S)/G(O) subunit gamma-2'
5 polymer 'nanobody Nb35'
6 non-polymer CHOLESTEROL
7 non-polymer 'PROSTAGLANDIN D2'
#
loop_
_entity_poly.entity_id
_entity_poly.type
_entity_poly.pdbx_seq_one_letter_code
_entity_poly.pdbx_strand_id
1 'polypeptide(L)'
;MGCLGNSKTEDQRNEEKAQREANKKIEKQLQKDKQVYRATHRLLLLGAGESGKNTIVKQMRILHVNGFNGEGGEEDPQAA
RSNSDGEKATKVQDIKNNLKEAIETIVAAMSNLVPPVELANPENQFRVDYILSVMNVPDFDFPPEFYEHAKALWEDEGVR
ACYERSNEYQLIDCAQYFLDKIDVIKQADYVPSDQDLLRCRVLTSGIFETKFQVDKVNFHMFDVGAQRDERRKWIQCFND
VTAIIFVVASSSYNMVIREDNQTNRLQAALKLFDSIWNNKWLRDTSVILFLNKQDLLAEKVLAGKSKIEDYFPEFARYTT
PEDATPEPGEDPRVTRAKYFIRDEFLRISTASGDGRHYCYPHFTCSVDTENIRRVFNDCRDIIQRMHLRQYELL
;
A
2 'polypeptide(L)'
;MGSLLQSELDQLRQEAEQLKNQIRDARKACADATLSQITNNIDPVGRIQMRTRRTLRGHLAKIYAMHWGTDSRLLVSASQ
DGKLIIWDSYTTNKVHAIPLRSSWVMTCAYAPSGNYVACGGLDNICSIYNLKTREGNVRVSRELAGHTGYLSCCRFLDDN
QIVTSSGDTTCALWDIETGQQTTTFTGHTGDVMSLSLAPDTRLFVSGACDASAKLWDVREGMCRQTFTGHESDINAICFF
PNGNAFATGSDDATCRLFDLRADQELMTYSHDNIICGITSVSFSKSGRLLLAGYDDFNCNVWDALKADRAGVLAGHDNRV
SCLGVTDDGMAVATGSWDSFLKIWN
;
B
3 'polypeptide(L)'
;MKTIIALSYIFCLVFAADLEDNWETLNDNLKVIEKADNAAQVKDALTKMRAAALDAQKATPPKLEDKSPDSPEMKDFRHG
FDILVGQIDDALKLANEGKVKEAQAAAEQLKTTRNAYIQKYLGGSGGSMKSPFYRCQNTTSVEKGNSAVMGGVLFSTGLL
GNLLALGLLARSGLGWCSRRPLRPLPSVFYMLVCGLTVTDLLGKCLLSPVVLAAYAQNRSLRVLAPALDNSLCQAFAFFM
SFFGLSSTLQLLAMALECWLSLGHPFFYRRHITLRLGALVAPVVSAFSLAFCALPFMGFGKFVQYCPGTWCFIQMVHEEG
SLSVLGYSVLYSSLMALLVLATVLCNLGAMRNLYAMHRRLQRHPRSCTRDCAEPRADGREASPQPLEELDHLLLLALMTV
LFTMCSLPVIYRAYYGAFKDVKEKNRTSEEAEDLRALRFLSVISIVDPWIFIIFRSPVFRIFFHKIFI
;
D
4 'polypeptide(L)' MASNNTASIAQARKLVEQLKMEANIDRIKVSKAAADLMAYCEAHAKEDPLLTPVPASENPFREKKFFCAIL G
5 'polypeptide(L)'
;MKYLLPTAAAGLLLLAAQPAMAQVQLQESGGGLVQPGGSLRLSCAASGFTFSNYKMNWVRQAPGKGLEWVSDISQSGASI
SYTGSVKGRFTISRDNAKNTLYLQMNSLKPEDTAVYYCARCPAPFTRDCFDVTSTTYAYRGQGTQVTVSSHHHHHH
;
N
#
# COMPACT_ATOMS: atom_id res chain seq x y z
N THR A 9 -29.66 23.57 25.66
CA THR A 9 -28.34 24.19 25.56
C THR A 9 -28.16 24.84 24.20
N GLU A 10 -28.69 26.06 24.05
CA GLU A 10 -28.56 26.77 22.78
C GLU A 10 -27.11 27.10 22.46
N ASP A 11 -26.30 27.40 23.48
CA ASP A 11 -24.88 27.66 23.24
C ASP A 11 -24.18 26.42 22.69
N GLN A 12 -24.51 25.25 23.22
CA GLN A 12 -23.92 24.02 22.71
C GLN A 12 -24.28 23.81 21.25
N ARG A 13 -25.53 24.06 20.88
CA ARG A 13 -25.94 23.89 19.49
C ARG A 13 -25.28 24.92 18.59
N ASN A 14 -25.08 26.15 19.09
CA ASN A 14 -24.38 27.15 18.30
C ASN A 14 -22.93 26.75 18.06
N GLU A 15 -22.25 26.25 19.10
CA GLU A 15 -20.89 25.78 18.93
C GLU A 15 -20.85 24.58 17.98
N GLU A 16 -21.85 23.72 18.03
CA GLU A 16 -21.90 22.58 17.12
C GLU A 16 -22.07 23.05 15.68
N LYS A 17 -22.91 24.06 15.45
CA LYS A 17 -23.07 24.59 14.11
C LYS A 17 -21.78 25.25 13.61
N ALA A 18 -21.10 25.99 14.48
CA ALA A 18 -19.82 26.58 14.10
C ALA A 18 -18.80 25.51 13.74
N GLN A 19 -18.74 24.44 14.54
CA GLN A 19 -17.82 23.35 14.24
C GLN A 19 -18.20 22.64 12.95
N ARG A 20 -19.49 22.54 12.65
CA ARG A 20 -19.91 21.93 11.40
C ARG A 20 -19.52 22.78 10.20
N GLU A 21 -19.65 24.11 10.34
CA GLU A 21 -19.21 25.00 9.27
C GLU A 21 -17.70 24.89 9.06
N ALA A 22 -16.94 24.85 10.16
CA ALA A 22 -15.49 24.69 10.05
C ALA A 22 -15.15 23.36 9.40
N ASN A 23 -15.89 22.30 9.73
CA ASN A 23 -15.64 20.99 9.13
C ASN A 23 -15.96 21.00 7.65
N LYS A 24 -17.01 21.72 7.25
CA LYS A 24 -17.34 21.83 5.82
C LYS A 24 -16.23 22.58 5.08
N LYS A 25 -15.73 23.67 5.67
CA LYS A 25 -14.61 24.38 5.05
C LYS A 25 -13.39 23.49 4.92
N ILE A 26 -13.07 22.74 5.98
CA ILE A 26 -11.92 21.85 5.94
C ILE A 26 -12.13 20.73 4.93
N GLU A 27 -13.39 20.28 4.74
CA GLU A 27 -13.66 19.25 3.76
C GLU A 27 -13.48 19.78 2.34
N LYS A 28 -13.90 21.03 2.09
CA LYS A 28 -13.64 21.63 0.80
C LYS A 28 -12.14 21.76 0.55
N GLN A 29 -11.40 22.21 1.57
CA GLN A 29 -9.95 22.31 1.44
C GLN A 29 -9.32 20.95 1.16
N LEU A 30 -9.79 19.91 1.83
CA LEU A 30 -9.24 18.58 1.62
C LEU A 30 -9.61 18.03 0.25
N GLN A 31 -10.80 18.36 -0.26
CA GLN A 31 -11.15 17.97 -1.62
C GLN A 31 -10.23 18.63 -2.63
N LYS A 32 -9.96 19.92 -2.44
CA LYS A 32 -9.00 20.60 -3.32
C LYS A 32 -7.62 19.97 -3.22
N ASP A 33 -7.18 19.65 -2.00
CA ASP A 33 -5.88 19.04 -1.81
C ASP A 33 -5.81 17.66 -2.48
N LYS A 34 -6.90 16.90 -2.42
CA LYS A 34 -6.93 15.60 -3.07
C LYS A 34 -6.92 15.74 -4.59
N GLN A 35 -7.64 16.73 -5.11
CA GLN A 35 -7.61 16.98 -6.55
C GLN A 35 -6.20 17.36 -7.00
N VAL A 36 -5.47 18.10 -6.17
CA VAL A 36 -4.10 18.48 -6.53
C VAL A 36 -3.15 17.31 -6.37
N TYR A 37 -3.45 16.42 -5.41
CA TYR A 37 -2.54 15.32 -5.11
C TYR A 37 -2.66 14.20 -6.15
N ARG A 38 -3.88 13.70 -6.37
CA ARG A 38 -4.07 12.63 -7.34
C ARG A 38 -3.59 13.03 -8.72
N ALA A 39 -3.54 14.32 -9.02
CA ALA A 39 -2.96 14.79 -10.27
C ALA A 39 -1.44 14.83 -10.22
N THR A 40 -0.85 14.80 -9.03
CA THR A 40 0.60 14.80 -8.88
C THR A 40 1.12 13.37 -8.75
N HIS A 41 2.29 13.12 -9.32
CA HIS A 41 2.92 11.81 -9.31
C HIS A 41 4.25 11.91 -8.58
N ARG A 42 4.30 11.38 -7.36
CA ARG A 42 5.53 11.38 -6.57
C ARG A 42 6.48 10.31 -7.08
N LEU A 43 7.77 10.60 -7.01
CA LEU A 43 8.81 9.68 -7.47
C LEU A 43 9.95 9.66 -6.47
N LEU A 44 10.51 8.48 -6.24
CA LEU A 44 11.63 8.29 -5.34
C LEU A 44 12.90 8.05 -6.16
N LEU A 45 13.94 8.82 -5.88
CA LEU A 45 15.24 8.68 -6.53
C LEU A 45 16.22 8.08 -5.54
N LEU A 46 16.81 6.95 -5.91
CA LEU A 46 17.76 6.25 -5.04
C LEU A 46 18.90 5.71 -5.89
N GLY A 47 20.04 5.53 -5.24
CA GLY A 47 21.21 5.01 -5.94
C GLY A 47 22.42 5.04 -5.02
N ALA A 48 23.46 4.35 -5.47
CA ALA A 48 24.69 4.28 -4.70
C ALA A 48 25.32 5.66 -4.56
N GLY A 49 26.21 5.79 -3.57
CA GLY A 49 26.87 7.06 -3.35
C GLY A 49 27.73 7.50 -4.52
N GLU A 50 28.34 6.55 -5.21
CA GLU A 50 29.19 6.86 -6.37
C GLU A 50 28.40 7.00 -7.66
N SER A 51 27.08 6.87 -7.61
CA SER A 51 26.26 7.00 -8.81
C SER A 51 26.15 8.47 -9.21
N GLY A 52 25.75 8.68 -10.47
CA GLY A 52 25.60 10.03 -11.00
C GLY A 52 24.22 10.60 -10.79
N LYS A 53 23.52 10.12 -9.77
CA LYS A 53 22.17 10.62 -9.49
C LYS A 53 22.17 12.12 -9.24
N ASN A 54 23.23 12.65 -8.62
CA ASN A 54 23.30 14.08 -8.38
C ASN A 54 23.28 14.87 -9.68
N THR A 55 23.99 14.37 -10.70
CA THR A 55 23.96 15.03 -12.00
C THR A 55 22.58 14.98 -12.61
N ILE A 56 21.86 13.87 -12.42
CA ILE A 56 20.50 13.77 -12.94
C ILE A 56 19.59 14.79 -12.26
N VAL A 57 19.69 14.91 -10.94
CA VAL A 57 18.88 15.90 -10.22
C VAL A 57 19.23 17.31 -10.70
N LYS A 58 20.52 17.58 -10.89
CA LYS A 58 20.93 18.90 -11.36
C LYS A 58 20.34 19.20 -12.73
N GLN A 59 20.41 18.23 -13.65
CA GLN A 59 19.87 18.44 -14.99
C GLN A 59 18.36 18.62 -14.96
N MET A 60 17.68 17.90 -14.06
CA MET A 60 16.22 17.99 -13.99
C MET A 60 15.77 19.29 -13.36
N ARG A 61 16.55 19.83 -12.43
CA ARG A 61 16.19 21.07 -11.76
C ARG A 61 16.52 22.31 -12.58
N ILE A 62 17.30 22.18 -13.64
CA ILE A 62 17.64 23.32 -14.49
C ILE A 62 16.44 23.67 -15.38
N THR A 204 20.86 20.60 3.79
CA THR A 204 20.80 20.34 5.22
C THR A 204 19.61 19.43 5.56
N SER A 205 18.50 19.66 4.87
CA SER A 205 17.31 18.85 5.11
C SER A 205 17.56 17.39 4.75
N GLY A 206 16.86 16.50 5.43
CA GLY A 206 17.00 15.08 5.17
C GLY A 206 16.39 14.60 3.87
N ILE A 207 15.64 15.47 3.18
CA ILE A 207 15.00 15.10 1.92
C ILE A 207 14.84 16.36 1.08
N PHE A 208 15.09 16.22 -0.21
CA PHE A 208 15.00 17.33 -1.16
C PHE A 208 13.88 17.05 -2.16
N GLU A 209 13.09 18.06 -2.47
CA GLU A 209 11.97 17.94 -3.39
C GLU A 209 12.35 18.55 -4.73
N THR A 210 12.20 17.77 -5.80
CA THR A 210 12.50 18.21 -7.16
C THR A 210 11.20 18.16 -7.96
N LYS A 211 10.67 19.33 -8.28
CA LYS A 211 9.41 19.45 -9.01
C LYS A 211 9.69 19.77 -10.48
N PHE A 212 9.15 18.94 -11.37
CA PHE A 212 9.30 19.14 -12.80
C PHE A 212 8.02 18.68 -13.49
N GLN A 213 7.68 19.37 -14.58
CA GLN A 213 6.47 19.09 -15.34
C GLN A 213 6.83 18.52 -16.71
N VAL A 214 6.06 17.52 -17.13
CA VAL A 214 6.25 16.87 -18.42
C VAL A 214 4.87 16.72 -19.07
N ASP A 215 4.67 17.43 -20.19
CA ASP A 215 3.39 17.39 -20.89
C ASP A 215 2.25 17.81 -19.97
N LYS A 216 2.49 18.89 -19.22
CA LYS A 216 1.48 19.43 -18.28
C LYS A 216 1.14 18.43 -17.19
N VAL A 217 2.05 17.53 -16.88
CA VAL A 217 1.87 16.53 -15.83
C VAL A 217 2.88 16.84 -14.73
N ASN A 218 2.38 17.06 -13.51
CA ASN A 218 3.25 17.40 -12.39
C ASN A 218 3.95 16.15 -11.86
N PHE A 219 5.27 16.24 -11.72
CA PHE A 219 6.08 15.16 -11.18
C PHE A 219 6.92 15.71 -10.04
N HIS A 220 6.86 15.05 -8.88
CA HIS A 220 7.58 15.47 -7.67
C HIS A 220 8.60 14.40 -7.34
N MET A 221 9.82 14.55 -7.86
CA MET A 221 10.90 13.63 -7.55
C MET A 221 11.55 14.04 -6.23
N PHE A 222 11.65 13.08 -5.31
CA PHE A 222 12.18 13.33 -3.97
C PHE A 222 13.53 12.63 -3.82
N ASP A 223 14.54 13.40 -3.42
CA ASP A 223 15.86 12.87 -3.11
C ASP A 223 15.98 12.68 -1.60
N VAL A 224 16.49 11.53 -1.19
CA VAL A 224 16.54 11.17 0.23
C VAL A 224 17.97 11.29 0.74
N GLY A 225 18.75 12.17 0.13
CA GLY A 225 20.11 12.40 0.57
C GLY A 225 20.17 12.87 2.01
N ALA A 226 21.40 12.88 2.53
CA ALA A 226 21.66 13.30 3.91
C ALA A 226 20.98 12.39 4.93
N GLN A 227 20.78 11.12 4.58
CA GLN A 227 20.16 10.15 5.46
C GLN A 227 21.09 8.95 5.61
N ARG A 228 21.07 8.34 6.80
CA ARG A 228 21.91 7.19 7.06
C ARG A 228 21.60 6.06 6.08
N ASP A 229 22.60 5.21 5.85
CA ASP A 229 22.47 4.14 4.86
C ASP A 229 21.56 3.01 5.31
N GLU A 230 20.98 3.08 6.52
CA GLU A 230 20.02 2.08 6.97
C GLU A 230 18.66 2.44 6.40
N ARG A 231 18.36 1.89 5.21
CA ARG A 231 17.16 2.25 4.47
C ARG A 231 15.99 1.31 4.73
N ARG A 232 16.19 0.24 5.51
CA ARG A 232 15.13 -0.75 5.70
C ARG A 232 13.88 -0.15 6.34
N LYS A 233 14.02 0.97 7.07
CA LYS A 233 12.89 1.54 7.79
C LYS A 233 12.17 2.63 6.98
N TRP A 234 12.89 3.69 6.61
CA TRP A 234 12.25 4.82 5.96
C TRP A 234 11.89 4.55 4.50
N ILE A 235 12.41 3.47 3.91
CA ILE A 235 12.04 3.16 2.53
C ILE A 235 10.58 2.76 2.45
N GLN A 236 10.01 2.25 3.55
CA GLN A 236 8.61 1.85 3.54
C GLN A 236 7.68 3.04 3.29
N CYS A 237 8.13 4.25 3.65
CA CYS A 237 7.29 5.43 3.46
C CYS A 237 6.97 5.70 2.00
N PHE A 238 7.77 5.18 1.08
CA PHE A 238 7.59 5.40 -0.36
C PHE A 238 6.90 4.22 -1.02
N ASN A 239 5.97 3.56 -0.32
CA ASN A 239 5.29 2.42 -0.89
C ASN A 239 4.28 2.86 -1.95
N ASP A 240 3.64 4.01 -1.75
CA ASP A 240 2.60 4.50 -2.65
C ASP A 240 3.15 5.35 -3.79
N VAL A 241 4.46 5.57 -3.83
CA VAL A 241 5.03 6.38 -4.91
C VAL A 241 4.75 5.72 -6.25
N THR A 242 4.62 6.53 -7.30
CA THR A 242 4.35 6.00 -8.63
C THR A 242 5.48 5.11 -9.10
N ALA A 243 6.73 5.51 -8.88
CA ALA A 243 7.87 4.73 -9.30
C ALA A 243 9.07 5.11 -8.46
N ILE A 244 10.03 4.19 -8.40
CA ILE A 244 11.28 4.39 -7.66
C ILE A 244 12.40 4.42 -8.68
N ILE A 245 12.95 5.62 -8.92
CA ILE A 245 14.03 5.80 -9.89
C ILE A 245 15.31 5.29 -9.24
N PHE A 246 15.73 4.08 -9.59
CA PHE A 246 16.94 3.47 -9.07
C PHE A 246 18.06 3.70 -10.07
N VAL A 247 19.01 4.55 -9.71
CA VAL A 247 20.16 4.88 -10.56
C VAL A 247 21.36 4.08 -10.07
N VAL A 248 21.92 3.25 -10.94
CA VAL A 248 23.07 2.41 -10.62
C VAL A 248 24.16 2.70 -11.63
N ALA A 249 25.41 2.71 -11.16
CA ALA A 249 26.57 2.95 -12.00
C ALA A 249 27.08 1.61 -12.50
N SER A 250 26.86 1.32 -13.79
CA SER A 250 27.30 0.05 -14.35
C SER A 250 28.82 -0.03 -14.43
N SER A 251 29.50 1.11 -14.60
CA SER A 251 30.95 1.14 -14.69
C SER A 251 31.63 1.10 -13.33
N SER A 252 30.87 1.04 -12.24
CA SER A 252 31.44 1.02 -10.90
C SER A 252 31.83 -0.37 -10.43
N TYR A 253 31.96 -1.34 -11.35
CA TYR A 253 32.35 -2.69 -10.98
C TYR A 253 33.87 -2.76 -10.83
N ASN A 254 34.32 -3.41 -9.75
CA ASN A 254 35.74 -3.55 -9.48
C ASN A 254 36.45 -4.27 -10.61
N THR A 263 35.66 -1.46 -3.57
CA THR A 263 35.23 -2.82 -3.85
C THR A 263 34.23 -2.85 -5.00
N ASN A 264 33.59 -4.00 -5.22
CA ASN A 264 32.61 -4.16 -6.29
C ASN A 264 31.32 -3.47 -5.88
N ARG A 265 31.13 -2.23 -6.35
CA ARG A 265 29.92 -1.50 -6.03
C ARG A 265 28.72 -2.02 -6.81
N LEU A 266 28.96 -2.65 -7.97
CA LEU A 266 27.85 -3.21 -8.74
C LEU A 266 27.14 -4.31 -7.96
N GLN A 267 27.90 -5.12 -7.20
CA GLN A 267 27.28 -6.15 -6.38
C GLN A 267 26.41 -5.53 -5.28
N ALA A 268 26.89 -4.46 -4.66
CA ALA A 268 26.10 -3.78 -3.64
C ALA A 268 24.83 -3.20 -4.25
N ALA A 269 24.92 -2.62 -5.45
CA ALA A 269 23.74 -2.08 -6.10
C ALA A 269 22.76 -3.20 -6.44
N LEU A 270 23.26 -4.35 -6.89
CA LEU A 270 22.39 -5.48 -7.19
C LEU A 270 21.68 -5.97 -5.93
N LYS A 271 22.41 -6.06 -4.82
CA LYS A 271 21.79 -6.49 -3.57
C LYS A 271 20.74 -5.50 -3.10
N LEU A 272 21.02 -4.20 -3.25
CA LEU A 272 20.05 -3.18 -2.87
C LEU A 272 18.79 -3.26 -3.73
N PHE A 273 18.97 -3.46 -5.04
CA PHE A 273 17.82 -3.61 -5.93
C PHE A 273 17.02 -4.85 -5.57
N ASP A 274 17.69 -5.95 -5.25
CA ASP A 274 16.99 -7.16 -4.84
C ASP A 274 16.18 -6.94 -3.57
N SER A 275 16.79 -6.27 -2.58
CA SER A 275 16.08 -5.99 -1.34
C SER A 275 14.87 -5.09 -1.59
N ILE A 276 15.03 -4.08 -2.45
CA ILE A 276 13.91 -3.19 -2.75
C ILE A 276 12.79 -3.95 -3.46
N TRP A 277 13.16 -4.86 -4.37
CA TRP A 277 12.16 -5.63 -5.11
C TRP A 277 11.45 -6.63 -4.22
N ASN A 278 12.14 -7.16 -3.21
CA ASN A 278 11.57 -8.17 -2.33
C ASN A 278 10.91 -7.58 -1.09
N ASN A 279 11.10 -6.29 -0.82
CA ASN A 279 10.46 -5.68 0.34
C ASN A 279 8.95 -5.81 0.26
N LYS A 280 8.36 -6.35 1.33
CA LYS A 280 6.91 -6.59 1.34
C LYS A 280 6.14 -5.32 1.00
N TRP A 281 6.51 -4.19 1.61
CA TRP A 281 5.80 -2.94 1.41
C TRP A 281 6.13 -2.27 0.09
N LEU A 282 6.98 -2.88 -0.74
CA LEU A 282 7.33 -2.34 -2.05
C LEU A 282 7.00 -3.28 -3.19
N ARG A 283 6.31 -4.39 -2.92
CA ARG A 283 5.96 -5.33 -3.99
C ARG A 283 4.98 -4.74 -4.98
N ASP A 284 4.30 -3.66 -4.63
CA ASP A 284 3.33 -3.00 -5.51
C ASP A 284 3.88 -1.72 -6.12
N THR A 285 5.16 -1.42 -5.92
CA THR A 285 5.78 -0.22 -6.44
C THR A 285 6.78 -0.59 -7.53
N SER A 286 6.64 0.04 -8.69
CA SER A 286 7.55 -0.21 -9.80
C SER A 286 8.86 0.55 -9.59
N VAL A 287 9.95 -0.03 -10.11
CA VAL A 287 11.29 0.53 -9.99
C VAL A 287 11.79 0.86 -11.38
N ILE A 288 12.22 2.10 -11.58
CA ILE A 288 12.79 2.54 -12.85
C ILE A 288 14.31 2.40 -12.74
N LEU A 289 14.87 1.41 -13.42
CA LEU A 289 16.29 1.10 -13.34
C LEU A 289 17.04 1.89 -14.41
N PHE A 290 17.74 2.94 -13.98
CA PHE A 290 18.56 3.74 -14.87
C PHE A 290 20.00 3.25 -14.77
N LEU A 291 20.45 2.49 -15.77
CA LEU A 291 21.82 2.01 -15.83
C LEU A 291 22.70 3.17 -16.29
N ASN A 292 23.04 4.03 -15.33
CA ASN A 292 23.77 5.25 -15.63
C ASN A 292 25.26 4.95 -15.86
N LYS A 293 25.97 5.96 -16.38
CA LYS A 293 27.41 5.86 -16.62
C LYS A 293 27.74 4.75 -17.61
N GLN A 294 27.09 4.80 -18.78
CA GLN A 294 27.37 3.81 -19.82
C GLN A 294 28.62 4.16 -20.61
N ASP A 295 28.95 5.45 -20.73
CA ASP A 295 30.16 5.85 -21.44
C ASP A 295 31.40 5.35 -20.70
N LEU A 296 31.39 5.42 -19.37
CA LEU A 296 32.52 4.89 -18.60
C LEU A 296 32.65 3.38 -18.79
N LEU A 297 31.52 2.67 -18.79
CA LEU A 297 31.57 1.23 -19.01
C LEU A 297 32.12 0.90 -20.39
N ALA A 298 31.71 1.67 -21.40
CA ALA A 298 32.23 1.44 -22.76
C ALA A 298 33.73 1.69 -22.80
N GLU A 299 34.19 2.80 -22.21
CA GLU A 299 35.61 3.10 -22.22
C GLU A 299 36.41 2.06 -21.46
N LYS A 300 35.81 1.46 -20.43
CA LYS A 300 36.54 0.47 -19.63
C LYS A 300 36.59 -0.88 -20.32
N VAL A 301 35.50 -1.28 -20.98
CA VAL A 301 35.45 -2.58 -21.61
C VAL A 301 36.11 -2.59 -22.99
N LEU A 302 36.18 -1.44 -23.66
CA LEU A 302 36.79 -1.39 -24.99
C LEU A 302 38.31 -1.42 -24.90
N ALA A 303 38.89 -0.44 -24.19
CA ALA A 303 40.34 -0.34 -24.00
C ALA A 303 40.62 -0.39 -22.50
N GLY A 304 40.78 -1.61 -21.99
CA GLY A 304 41.06 -1.79 -20.58
C GLY A 304 41.22 -3.25 -20.26
N LYS A 305 41.73 -3.51 -19.05
CA LYS A 305 41.97 -4.87 -18.57
C LYS A 305 40.99 -5.27 -17.48
N SER A 306 39.91 -4.51 -17.28
CA SER A 306 38.91 -4.82 -16.26
C SER A 306 37.98 -5.92 -16.80
N LYS A 307 38.51 -7.14 -16.80
CA LYS A 307 37.77 -8.28 -17.31
C LYS A 307 36.55 -8.54 -16.42
N ILE A 308 35.36 -8.54 -17.03
CA ILE A 308 34.14 -8.76 -16.25
C ILE A 308 34.09 -10.18 -15.73
N GLU A 309 34.66 -11.14 -16.47
CA GLU A 309 34.66 -12.53 -16.00
C GLU A 309 35.42 -12.69 -14.69
N ASP A 310 36.39 -11.81 -14.43
CA ASP A 310 37.12 -11.86 -13.17
C ASP A 310 36.22 -11.54 -11.98
N TYR A 311 35.17 -10.74 -12.18
CA TYR A 311 34.22 -10.43 -11.13
C TYR A 311 32.81 -10.94 -11.45
N PHE A 312 32.63 -11.64 -12.57
CA PHE A 312 31.34 -12.21 -12.93
C PHE A 312 31.59 -13.42 -13.82
N PRO A 313 31.94 -14.56 -13.21
CA PRO A 313 32.27 -15.75 -14.03
C PRO A 313 31.20 -16.12 -15.03
N GLU A 314 29.93 -15.87 -14.74
CA GLU A 314 28.86 -16.19 -15.68
C GLU A 314 28.98 -15.39 -16.96
N PHE A 315 29.74 -14.29 -16.96
CA PHE A 315 29.89 -13.49 -18.17
C PHE A 315 30.66 -14.23 -19.24
N ALA A 316 31.54 -15.15 -18.85
CA ALA A 316 32.34 -15.88 -19.83
C ALA A 316 31.47 -16.67 -20.80
N ARG A 317 30.31 -17.15 -20.34
CA ARG A 317 29.39 -17.92 -21.17
C ARG A 317 28.23 -17.09 -21.69
N TYR A 318 28.12 -15.83 -21.28
CA TYR A 318 27.02 -14.98 -21.71
C TYR A 318 27.23 -14.53 -23.15
N THR A 319 26.13 -14.38 -23.88
CA THR A 319 26.16 -13.92 -25.27
C THR A 319 25.06 -12.89 -25.48
N THR A 320 25.27 -12.01 -26.45
CA THR A 320 24.29 -10.98 -26.75
C THR A 320 22.98 -11.61 -27.16
N PRO A 321 21.84 -11.20 -26.60
CA PRO A 321 20.56 -11.80 -26.97
C PRO A 321 20.13 -11.37 -28.37
N GLU A 322 19.11 -12.06 -28.87
CA GLU A 322 18.60 -11.76 -30.21
C GLU A 322 17.83 -10.44 -30.22
N ASP A 323 17.05 -10.17 -29.17
CA ASP A 323 16.29 -8.93 -29.09
C ASP A 323 17.16 -7.71 -28.86
N ALA A 324 18.47 -7.88 -28.68
CA ALA A 324 19.35 -6.75 -28.43
C ALA A 324 19.28 -5.75 -29.58
N THR A 325 19.19 -4.47 -29.22
CA THR A 325 19.16 -3.36 -30.16
C THR A 325 20.42 -2.53 -29.98
N PRO A 326 21.54 -2.97 -30.55
CA PRO A 326 22.79 -2.23 -30.37
C PRO A 326 22.72 -0.85 -31.00
N GLU A 327 23.42 0.10 -30.39
CA GLU A 327 23.44 1.46 -30.90
C GLU A 327 24.30 1.53 -32.17
N PRO A 328 23.95 2.40 -33.12
CA PRO A 328 24.75 2.47 -34.36
C PRO A 328 26.17 2.92 -34.08
N GLY A 329 27.12 2.03 -34.37
CA GLY A 329 28.53 2.30 -34.17
C GLY A 329 29.10 1.72 -32.90
N GLU A 330 28.26 1.29 -31.96
CA GLU A 330 28.75 0.74 -30.71
C GLU A 330 29.48 -0.57 -30.95
N ASP A 331 30.57 -0.78 -30.21
CA ASP A 331 31.33 -2.01 -30.35
C ASP A 331 30.53 -3.19 -29.80
N PRO A 332 30.61 -4.36 -30.44
CA PRO A 332 29.85 -5.52 -29.91
C PRO A 332 30.16 -5.84 -28.46
N ARG A 333 31.40 -5.63 -28.02
CA ARG A 333 31.74 -5.93 -26.63
C ARG A 333 31.02 -5.01 -25.66
N VAL A 334 30.89 -3.72 -26.01
CA VAL A 334 30.18 -2.78 -25.16
C VAL A 334 28.72 -3.19 -25.02
N THR A 335 28.08 -3.55 -26.14
CA THR A 335 26.69 -4.00 -26.08
C THR A 335 26.56 -5.28 -25.27
N ARG A 336 27.50 -6.20 -25.45
CA ARG A 336 27.47 -7.45 -24.67
C ARG A 336 27.52 -7.16 -23.18
N ALA A 337 28.47 -6.30 -22.76
CA ALA A 337 28.59 -5.98 -21.34
C ALA A 337 27.34 -5.27 -20.84
N LYS A 338 26.80 -4.34 -21.61
CA LYS A 338 25.60 -3.62 -21.20
C LYS A 338 24.44 -4.58 -21.00
N TYR A 339 24.22 -5.48 -21.96
CA TYR A 339 23.09 -6.40 -21.85
C TYR A 339 23.32 -7.44 -20.77
N PHE A 340 24.57 -7.79 -20.48
CA PHE A 340 24.85 -8.68 -19.37
C PHE A 340 24.51 -8.01 -18.04
N ILE A 341 24.94 -6.76 -17.88
CA ILE A 341 24.60 -6.02 -16.66
C ILE A 341 23.10 -5.85 -16.53
N ARG A 342 22.40 -5.67 -17.67
CA ARG A 342 20.95 -5.57 -17.63
C ARG A 342 20.32 -6.88 -17.18
N ASP A 343 20.71 -7.99 -17.80
CA ASP A 343 20.18 -9.29 -17.41
C ASP A 343 20.48 -9.60 -15.95
N GLU A 344 21.57 -9.06 -15.41
CA GLU A 344 21.87 -9.25 -14.00
C GLU A 344 20.72 -8.77 -13.13
N PHE A 345 20.11 -7.64 -13.48
CA PHE A 345 18.94 -7.16 -12.74
C PHE A 345 17.65 -7.82 -13.21
N LEU A 346 17.57 -8.18 -14.49
CA LEU A 346 16.38 -8.84 -15.01
C LEU A 346 16.12 -10.15 -14.28
N ARG A 347 17.18 -10.93 -14.03
CA ARG A 347 17.00 -12.18 -13.31
C ARG A 347 16.42 -11.95 -11.94
N ILE A 348 16.94 -10.96 -11.21
CA ILE A 348 16.45 -10.69 -9.86
C ILE A 348 15.01 -10.22 -9.90
N SER A 349 14.67 -9.39 -10.89
CA SER A 349 13.34 -8.81 -10.97
C SER A 349 12.30 -9.79 -11.52
N THR A 350 12.71 -10.85 -12.19
CA THR A 350 11.78 -11.82 -12.76
C THR A 350 11.66 -13.09 -11.95
N ALA A 351 12.74 -13.57 -11.33
CA ALA A 351 12.67 -14.80 -10.56
C ALA A 351 12.14 -14.58 -9.15
N SER A 352 12.38 -13.39 -8.57
CA SER A 352 11.92 -13.11 -7.22
C SER A 352 10.43 -12.79 -7.17
N GLY A 353 9.81 -12.51 -8.30
CA GLY A 353 8.39 -12.19 -8.35
C GLY A 353 8.09 -11.19 -9.44
N ASP A 354 6.82 -11.10 -9.80
CA ASP A 354 6.35 -10.18 -10.83
C ASP A 354 4.84 -10.16 -10.81
N GLY A 355 4.27 -9.26 -11.61
CA GLY A 355 2.83 -9.11 -11.68
C GLY A 355 2.33 -7.93 -10.87
N ARG A 356 2.90 -7.72 -9.68
CA ARG A 356 2.53 -6.60 -8.84
C ARG A 356 3.34 -5.35 -9.15
N HIS A 357 4.58 -5.51 -9.62
CA HIS A 357 5.42 -4.37 -9.98
C HIS A 357 6.38 -4.82 -11.07
N TYR A 358 6.79 -3.86 -11.90
CA TYR A 358 7.64 -4.12 -13.05
C TYR A 358 8.85 -3.22 -13.02
N CYS A 359 9.94 -3.69 -13.63
CA CYS A 359 11.19 -2.95 -13.72
C CYS A 359 11.38 -2.45 -15.14
N TYR A 360 11.79 -1.18 -15.26
CA TYR A 360 11.99 -0.53 -16.56
C TYR A 360 13.47 -0.23 -16.74
N PRO A 361 14.27 -1.16 -17.25
CA PRO A 361 15.71 -0.88 -17.45
C PRO A 361 15.92 0.01 -18.66
N HIS A 362 16.59 1.14 -18.44
CA HIS A 362 16.87 2.11 -19.50
C HIS A 362 18.35 2.48 -19.44
N PHE A 363 19.05 2.28 -20.56
CA PHE A 363 20.45 2.66 -20.67
C PHE A 363 20.54 4.18 -20.84
N THR A 364 21.05 4.88 -19.83
CA THR A 364 21.11 6.33 -19.84
C THR A 364 22.50 6.79 -19.38
N CYS A 365 22.73 8.08 -19.52
CA CYS A 365 23.95 8.73 -19.07
C CYS A 365 23.59 9.91 -18.19
N SER A 366 24.60 10.40 -17.45
CA SER A 366 24.36 11.51 -16.53
C SER A 366 23.89 12.76 -17.26
N VAL A 367 24.39 13.00 -18.47
CA VAL A 367 24.03 14.19 -19.24
C VAL A 367 22.85 13.97 -20.18
N ASP A 368 22.31 12.75 -20.23
CA ASP A 368 21.20 12.47 -21.13
C ASP A 368 19.96 13.21 -20.67
N THR A 369 19.45 14.12 -21.51
CA THR A 369 18.24 14.87 -21.18
C THR A 369 16.98 14.04 -21.38
N GLU A 370 17.06 12.92 -22.08
CA GLU A 370 15.89 12.08 -22.32
C GLU A 370 15.47 11.31 -21.07
N ASN A 371 16.15 11.50 -19.93
CA ASN A 371 15.73 10.83 -18.71
C ASN A 371 14.33 11.27 -18.30
N ILE A 372 14.00 12.53 -18.53
CA ILE A 372 12.66 13.02 -18.20
C ILE A 372 11.60 12.32 -19.03
N ARG A 373 11.86 12.16 -20.33
CA ARG A 373 10.92 11.47 -21.19
C ARG A 373 10.81 9.99 -20.82
N ARG A 374 11.94 9.38 -20.42
CA ARG A 374 11.90 8.00 -19.98
C ARG A 374 11.05 7.84 -18.73
N VAL A 375 11.23 8.75 -17.76
CA VAL A 375 10.40 8.70 -16.55
C VAL A 375 8.94 8.91 -16.89
N PHE A 376 8.66 9.81 -17.83
CA PHE A 376 7.28 10.06 -18.25
C PHE A 376 6.66 8.81 -18.84
N ASN A 377 7.39 8.12 -19.72
CA ASN A 377 6.88 6.90 -20.32
C ASN A 377 6.69 5.81 -19.27
N ASP A 378 7.63 5.69 -18.33
CA ASP A 378 7.48 4.69 -17.27
C ASP A 378 6.26 4.97 -16.42
N CYS A 379 6.01 6.26 -16.09
CA CYS A 379 4.83 6.61 -15.32
C CYS A 379 3.56 6.30 -16.10
N ARG A 380 3.56 6.60 -17.40
CA ARG A 380 2.40 6.26 -18.24
C ARG A 380 2.13 4.76 -18.18
N ASP A 381 3.17 3.95 -18.38
CA ASP A 381 2.99 2.50 -18.37
C ASP A 381 2.49 2.01 -17.00
N ILE A 382 3.05 2.55 -15.92
CA ILE A 382 2.66 2.12 -14.59
C ILE A 382 1.21 2.47 -14.31
N ILE A 383 0.79 3.68 -14.68
CA ILE A 383 -0.59 4.09 -14.43
C ILE A 383 -1.54 3.28 -15.29
N GLN A 384 -1.15 2.95 -16.53
CA GLN A 384 -1.99 2.12 -17.38
C GLN A 384 -2.16 0.73 -16.78
N ARG A 385 -1.06 0.13 -16.31
CA ARG A 385 -1.14 -1.21 -15.73
C ARG A 385 -1.90 -1.20 -14.40
N MET A 386 -1.88 -0.08 -13.68
CA MET A 386 -2.66 0.01 -12.46
C MET A 386 -4.15 0.17 -12.77
N HIS A 387 -4.47 0.96 -13.80
CA HIS A 387 -5.87 1.09 -14.21
C HIS A 387 -6.41 -0.23 -14.73
N LEU A 388 -5.57 -1.02 -15.39
CA LEU A 388 -6.00 -2.32 -15.89
C LEU A 388 -6.54 -3.20 -14.77
N ARG A 389 -6.09 -2.97 -13.53
CA ARG A 389 -6.57 -3.77 -12.41
C ARG A 389 -8.05 -3.51 -12.12
N GLN A 390 -8.55 -2.33 -12.41
CA GLN A 390 -9.92 -2.02 -12.18
C GLN A 390 -10.79 -3.06 -12.78
N TYR A 391 -10.52 -3.53 -13.96
CA TYR A 391 -11.38 -4.46 -14.69
C TYR A 391 -11.22 -5.89 -14.18
N GLU A 392 -11.41 -6.07 -12.88
CA GLU A 392 -11.31 -7.39 -12.25
C GLU A 392 -12.28 -7.41 -11.07
N LEU A 393 -13.45 -7.99 -11.29
CA LEU A 393 -14.47 -8.08 -10.25
C LEU A 393 -14.32 -9.37 -9.46
N GLU B 8 45.23 -4.06 22.48
CA GLU B 8 44.59 -3.42 23.62
C GLU B 8 43.08 -3.55 23.55
N LEU B 9 42.56 -3.62 22.33
CA LEU B 9 41.11 -3.76 22.15
C LEU B 9 40.60 -5.06 22.75
N ASP B 10 41.43 -6.10 22.77
CA ASP B 10 41.01 -7.36 23.37
C ASP B 10 40.73 -7.21 24.86
N GLN B 11 41.50 -6.36 25.54
CA GLN B 11 41.25 -6.13 26.96
C GLN B 11 39.87 -5.48 27.17
N LEU B 12 39.54 -4.46 26.37
CA LEU B 12 38.23 -3.84 26.48
C LEU B 12 37.12 -4.82 26.14
N ARG B 13 37.35 -5.67 25.13
CA ARG B 13 36.35 -6.66 24.76
C ARG B 13 36.09 -7.63 25.91
N GLN B 14 37.16 -8.14 26.52
CA GLN B 14 37.00 -9.07 27.64
C GLN B 14 36.34 -8.38 28.83
N GLU B 15 36.69 -7.12 29.08
CA GLU B 15 36.07 -6.39 30.17
C GLU B 15 34.57 -6.23 29.94
N ALA B 16 34.18 -5.85 28.73
CA ALA B 16 32.76 -5.73 28.41
C ALA B 16 32.05 -7.07 28.53
N GLU B 17 32.70 -8.15 28.08
CA GLU B 17 32.09 -9.47 28.17
C GLU B 17 31.86 -9.86 29.63
N GLN B 18 32.86 -9.62 30.49
CA GLN B 18 32.72 -9.97 31.89
C GLN B 18 31.67 -9.11 32.58
N LEU B 19 31.59 -7.83 32.22
CA LEU B 19 30.55 -6.97 32.78
C LEU B 19 29.16 -7.45 32.37
N LYS B 20 29.00 -7.83 31.10
CA LYS B 20 27.71 -8.34 30.64
C LYS B 20 27.36 -9.65 31.35
N ASN B 21 28.35 -10.52 31.55
CA ASN B 21 28.09 -11.77 32.26
C ASN B 21 27.69 -11.52 33.70
N GLN B 22 28.36 -10.57 34.36
CA GLN B 22 27.99 -10.23 35.74
C GLN B 22 26.58 -9.66 35.80
N ILE B 23 26.23 -8.80 34.84
CA ILE B 23 24.88 -8.22 34.83
C ILE B 23 23.84 -9.30 34.59
N ARG B 24 24.14 -10.26 33.70
CA ARG B 24 23.20 -11.35 33.45
C ARG B 24 23.04 -12.23 34.69
N ASP B 25 24.15 -12.51 35.38
CA ASP B 25 24.06 -13.31 36.60
C ASP B 25 23.25 -12.58 37.66
N ALA B 26 23.43 -11.27 37.79
CA ALA B 26 22.66 -10.50 38.75
C ALA B 26 21.18 -10.53 38.41
N ARG B 27 20.84 -10.34 37.12
CA ARG B 27 19.45 -10.39 36.71
C ARG B 27 18.85 -11.77 36.98
N LYS B 28 19.62 -12.83 36.75
CA LYS B 28 19.12 -14.17 37.01
C LYS B 28 18.89 -14.40 38.50
N ALA B 29 19.80 -13.91 39.34
CA ALA B 29 19.64 -14.06 40.78
C ALA B 29 18.37 -13.38 41.28
N CYS B 30 18.02 -12.23 40.68
CA CYS B 30 16.81 -11.52 41.07
C CYS B 30 15.54 -12.15 40.51
N ALA B 31 15.66 -13.15 39.62
CA ALA B 31 14.50 -13.79 39.03
C ALA B 31 14.12 -15.03 39.86
N ASP B 32 13.65 -14.75 41.08
CA ASP B 32 13.22 -15.82 41.97
C ASP B 32 11.95 -16.48 41.45
N ALA B 33 11.10 -15.74 40.75
CA ALA B 33 9.85 -16.27 40.22
C ALA B 33 9.57 -15.61 38.89
N THR B 34 8.40 -15.90 38.33
CA THR B 34 7.97 -15.33 37.06
C THR B 34 6.58 -14.74 37.21
N LEU B 35 6.33 -13.67 36.45
CA LEU B 35 5.05 -12.98 36.54
C LEU B 35 3.90 -13.89 36.11
N SER B 36 4.13 -14.78 35.14
CA SER B 36 3.06 -15.65 34.67
C SER B 36 2.64 -16.65 35.73
N GLN B 37 3.62 -17.26 36.42
CA GLN B 37 3.29 -18.24 37.45
C GLN B 37 2.53 -17.60 38.61
N ILE B 38 2.79 -16.32 38.88
CA ILE B 38 2.09 -15.64 39.97
C ILE B 38 0.71 -15.17 39.52
N THR B 39 0.58 -14.73 38.27
CA THR B 39 -0.69 -14.27 37.74
C THR B 39 -1.62 -15.40 37.32
N ASN B 40 -1.12 -16.64 37.29
CA ASN B 40 -1.97 -17.77 36.95
C ASN B 40 -3.24 -17.79 37.81
N ASN B 41 -3.19 -17.23 39.01
CA ASN B 41 -4.36 -17.17 39.88
C ASN B 41 -5.27 -15.99 39.57
N ILE B 42 -4.84 -15.06 38.71
CA ILE B 42 -5.66 -13.91 38.37
C ILE B 42 -6.79 -14.36 37.45
N ASP B 43 -7.97 -13.76 37.63
CA ASP B 43 -9.11 -14.10 36.80
C ASP B 43 -8.88 -13.59 35.37
N PRO B 44 -9.11 -14.41 34.35
CA PRO B 44 -8.88 -13.94 32.98
C PRO B 44 -9.94 -12.95 32.53
N VAL B 45 -9.55 -12.08 31.60
CA VAL B 45 -10.49 -11.09 31.08
C VAL B 45 -11.52 -11.74 30.18
N GLY B 46 -11.17 -12.87 29.56
CA GLY B 46 -12.09 -13.57 28.69
C GLY B 46 -12.07 -13.03 27.27
N ARG B 47 -13.16 -12.39 26.86
CA ARG B 47 -13.27 -11.84 25.52
C ARG B 47 -14.10 -10.56 25.58
N ILE B 48 -13.66 -9.56 24.82
CA ILE B 48 -14.33 -8.27 24.74
C ILE B 48 -14.52 -7.93 23.27
N GLN B 49 -15.77 -7.86 22.83
CA GLN B 49 -16.09 -7.58 21.43
C GLN B 49 -16.15 -6.08 21.23
N MET B 50 -15.01 -5.48 20.95
CA MET B 50 -14.94 -4.04 20.71
C MET B 50 -15.34 -3.74 19.27
N ARG B 51 -16.15 -2.70 19.09
CA ARG B 51 -16.65 -2.30 17.79
C ARG B 51 -16.29 -0.84 17.52
N THR B 52 -16.21 -0.51 16.23
CA THR B 52 -15.88 0.85 15.81
C THR B 52 -17.08 1.76 16.07
N ARG B 53 -16.93 2.68 17.02
CA ARG B 53 -18.01 3.59 17.37
C ARG B 53 -17.98 4.87 16.51
N ARG B 54 -16.82 5.25 16.01
CA ARG B 54 -16.68 6.45 15.19
C ARG B 54 -15.66 6.19 14.09
N THR B 55 -15.98 6.63 12.88
CA THR B 55 -15.11 6.49 11.71
C THR B 55 -14.74 7.88 11.20
N LEU B 56 -13.44 8.15 11.13
CA LEU B 56 -12.93 9.43 10.68
C LEU B 56 -12.39 9.28 9.26
N ARG B 57 -12.89 10.12 8.34
CA ARG B 57 -12.46 10.11 6.95
C ARG B 57 -12.03 11.50 6.53
N GLY B 58 -11.10 11.56 5.58
CA GLY B 58 -10.59 12.82 5.09
C GLY B 58 -9.12 12.79 4.76
N HIS B 59 -8.39 11.81 5.30
CA HIS B 59 -6.97 11.68 5.03
C HIS B 59 -6.75 11.12 3.63
N LEU B 60 -5.75 11.63 2.94
CA LEU B 60 -5.46 11.23 1.57
C LEU B 60 -4.46 10.07 1.54
N ALA B 61 -3.27 10.27 2.11
CA ALA B 61 -2.23 9.26 2.09
C ALA B 61 -2.32 8.39 3.34
N LYS B 62 -1.41 7.41 3.43
CA LYS B 62 -1.40 6.50 4.56
C LYS B 62 -1.01 7.24 5.84
N ILE B 63 -1.76 6.99 6.91
CA ILE B 63 -1.46 7.58 8.20
C ILE B 63 -0.34 6.80 8.85
N TYR B 64 0.59 7.52 9.49
CA TYR B 64 1.78 6.90 10.08
C TYR B 64 1.93 7.14 11.58
N ALA B 65 1.33 8.20 12.12
CA ALA B 65 1.49 8.54 13.53
C ALA B 65 0.20 9.13 14.07
N MET B 66 0.04 9.04 15.39
CA MET B 66 -1.12 9.58 16.07
C MET B 66 -0.81 9.69 17.55
N HIS B 67 -1.48 10.63 18.22
CA HIS B 67 -1.27 10.86 19.64
C HIS B 67 -2.53 11.46 20.23
N TRP B 68 -3.10 10.82 21.25
CA TRP B 68 -4.29 11.33 21.89
C TRP B 68 -3.97 12.52 22.78
N GLY B 69 -4.95 13.41 22.94
CA GLY B 69 -4.79 14.56 23.80
C GLY B 69 -5.20 14.28 25.24
N THR B 70 -4.65 15.09 26.15
CA THR B 70 -4.97 14.92 27.57
C THR B 70 -6.45 15.14 27.82
N ASP B 71 -7.06 16.09 27.11
CA ASP B 71 -8.49 16.35 27.27
C ASP B 71 -9.36 15.19 26.84
N SER B 72 -8.81 14.20 26.13
CA SER B 72 -9.55 13.04 25.67
C SER B 72 -10.68 13.40 24.71
N ARG B 73 -10.64 14.61 24.14
CA ARG B 73 -11.64 15.06 23.18
C ARG B 73 -11.07 15.27 21.79
N LEU B 74 -9.94 15.97 21.67
CA LEU B 74 -9.30 16.23 20.39
C LEU B 74 -8.13 15.27 20.18
N LEU B 75 -7.94 14.88 18.93
CA LEU B 75 -6.86 13.97 18.57
C LEU B 75 -6.16 14.50 17.32
N VAL B 76 -4.84 14.29 17.27
CA VAL B 76 -4.02 14.71 16.14
C VAL B 76 -3.49 13.47 15.43
N SER B 77 -3.59 13.48 14.11
CA SER B 77 -3.11 12.39 13.28
C SER B 77 -2.33 12.95 12.10
N ALA B 78 -1.20 12.35 11.80
CA ALA B 78 -0.30 12.81 10.74
C ALA B 78 -0.30 11.81 9.60
N SER B 79 -0.57 12.31 8.39
CA SER B 79 -0.50 11.52 7.17
C SER B 79 0.62 12.06 6.29
N GLN B 80 1.16 11.18 5.44
CA GLN B 80 2.30 11.51 4.59
C GLN B 80 1.90 12.27 3.34
N ASP B 81 0.68 12.83 3.31
CA ASP B 81 0.24 13.67 2.20
C ASP B 81 0.53 15.15 2.44
N GLY B 82 1.27 15.47 3.50
CA GLY B 82 1.56 16.86 3.81
C GLY B 82 0.46 17.57 4.56
N LYS B 83 -0.32 16.85 5.38
CA LYS B 83 -1.42 17.42 6.12
C LYS B 83 -1.45 16.84 7.52
N LEU B 84 -1.75 17.68 8.50
CA LEU B 84 -1.89 17.28 9.90
C LEU B 84 -3.27 17.72 10.37
N ILE B 85 -4.22 16.79 10.37
CA ILE B 85 -5.62 17.08 10.68
C ILE B 85 -5.87 16.78 12.15
N ILE B 86 -6.64 17.65 12.79
CA ILE B 86 -7.09 17.46 14.17
C ILE B 86 -8.58 17.14 14.13
N TRP B 87 -8.97 16.04 14.76
CA TRP B 87 -10.32 15.53 14.70
C TRP B 87 -10.99 15.62 16.07
N ASP B 88 -12.32 15.76 16.06
CA ASP B 88 -13.11 15.77 17.28
C ASP B 88 -13.57 14.34 17.56
N SER B 89 -13.17 13.81 18.71
CA SER B 89 -13.47 12.41 19.03
C SER B 89 -14.97 12.17 19.11
N TYR B 90 -15.71 13.11 19.69
CA TYR B 90 -17.15 12.90 19.89
C TYR B 90 -17.95 13.18 18.62
N THR B 91 -17.67 14.28 17.93
CA THR B 91 -18.45 14.69 16.78
C THR B 91 -17.81 14.34 15.45
N THR B 92 -16.57 13.85 15.45
CA THR B 92 -15.82 13.50 14.24
C THR B 92 -15.55 14.70 13.34
N ASN B 93 -15.78 15.91 13.84
CA ASN B 93 -15.56 17.11 13.03
C ASN B 93 -14.09 17.52 13.10
N LYS B 94 -13.51 17.83 11.94
CA LYS B 94 -12.12 18.25 11.87
C LYS B 94 -11.99 19.67 12.42
N VAL B 95 -11.16 19.83 13.45
CA VAL B 95 -10.98 21.15 14.06
C VAL B 95 -10.05 22.00 13.21
N HIS B 96 -8.86 21.47 12.90
CA HIS B 96 -7.87 22.19 12.12
C HIS B 96 -7.31 21.30 11.03
N ALA B 97 -6.85 21.93 9.94
CA ALA B 97 -6.22 21.24 8.82
C ALA B 97 -4.89 21.94 8.56
N ILE B 98 -3.83 21.45 9.19
CA ILE B 98 -2.52 22.08 9.14
C ILE B 98 -1.75 21.47 7.97
N PRO B 99 -1.46 22.22 6.91
CA PRO B 99 -0.62 21.69 5.83
C PRO B 99 0.85 21.69 6.25
N LEU B 100 1.51 20.55 6.10
CA LEU B 100 2.89 20.39 6.52
C LEU B 100 3.83 20.69 5.35
N ARG B 101 4.88 21.46 5.64
CA ARG B 101 5.88 21.77 4.62
C ARG B 101 6.56 20.51 4.11
N SER B 102 6.73 19.51 4.98
CA SER B 102 7.33 18.23 4.61
C SER B 102 6.20 17.22 4.41
N SER B 103 6.11 16.67 3.20
CA SER B 103 5.05 15.72 2.90
C SER B 103 5.20 14.44 3.70
N TRP B 104 6.42 13.91 3.78
CA TRP B 104 6.67 12.64 4.45
C TRP B 104 6.83 12.83 5.96
N VAL B 105 5.72 13.21 6.59
CA VAL B 105 5.69 13.33 8.04
C VAL B 105 5.61 11.94 8.67
N MET B 106 6.38 11.72 9.73
CA MET B 106 6.46 10.43 10.38
C MET B 106 6.13 10.45 11.87
N THR B 107 5.85 11.61 12.45
CA THR B 107 5.55 11.69 13.87
C THR B 107 4.64 12.89 14.13
N CYS B 108 3.94 12.83 15.26
CA CYS B 108 3.08 13.93 15.70
C CYS B 108 2.92 13.83 17.21
N ALA B 109 2.74 15.00 17.84
CA ALA B 109 2.60 15.08 19.29
C ALA B 109 1.63 16.19 19.64
N TYR B 110 0.72 15.89 20.57
CA TYR B 110 -0.25 16.85 21.06
C TYR B 110 0.15 17.27 22.47
N ALA B 111 0.41 18.56 22.65
CA ALA B 111 0.87 19.05 23.94
C ALA B 111 -0.20 18.78 25.00
N PRO B 112 0.20 18.61 26.27
CA PRO B 112 -0.82 18.37 27.32
C PRO B 112 -1.86 19.47 27.39
N SER B 113 -1.44 20.74 27.31
CA SER B 113 -2.39 21.85 27.35
C SER B 113 -3.09 22.06 26.02
N GLY B 114 -2.60 21.46 24.94
CA GLY B 114 -3.22 21.64 23.64
C GLY B 114 -2.89 22.94 22.93
N ASN B 115 -1.97 23.73 23.48
CA ASN B 115 -1.62 25.00 22.87
C ASN B 115 -0.62 24.85 21.73
N TYR B 116 0.13 23.76 21.68
CA TYR B 116 1.13 23.54 20.65
C TYR B 116 1.06 22.11 20.15
N VAL B 117 1.53 21.90 18.93
CA VAL B 117 1.58 20.58 18.31
C VAL B 117 2.87 20.47 17.51
N ALA B 118 3.51 19.31 17.61
CA ALA B 118 4.78 19.05 16.94
C ALA B 118 4.61 17.92 15.93
N CYS B 119 5.51 17.88 14.96
CA CYS B 119 5.50 16.84 13.94
C CYS B 119 6.78 16.93 13.14
N GLY B 120 7.17 15.79 12.54
CA GLY B 120 8.39 15.74 11.77
C GLY B 120 8.46 14.43 11.00
N GLY B 121 9.50 14.33 10.18
CA GLY B 121 9.70 13.14 9.37
C GLY B 121 11.03 13.12 8.65
N LEU B 122 11.02 12.70 7.38
CA LEU B 122 12.25 12.61 6.61
C LEU B 122 12.95 13.96 6.48
N ASP B 123 12.22 15.07 6.66
CA ASP B 123 12.83 16.38 6.55
C ASP B 123 13.84 16.66 7.66
N ASN B 124 13.91 15.82 8.69
CA ASN B 124 14.83 16.01 9.81
C ASN B 124 14.54 17.29 10.56
N ILE B 125 13.29 17.75 10.51
CA ILE B 125 12.86 18.97 11.19
C ILE B 125 11.58 18.66 11.95
N CYS B 126 11.58 18.97 13.25
CA CYS B 126 10.40 18.79 14.10
C CYS B 126 9.74 20.16 14.25
N SER B 127 8.82 20.45 13.32
CA SER B 127 8.15 21.75 13.31
C SER B 127 7.08 21.80 14.40
N ILE B 128 6.98 22.96 15.05
CA ILE B 128 5.99 23.19 16.10
C ILE B 128 4.89 24.07 15.52
N TYR B 129 3.65 23.79 15.91
CA TYR B 129 2.48 24.52 15.43
C TYR B 129 1.65 24.97 16.62
N ASN B 130 1.29 26.25 16.62
CA ASN B 130 0.47 26.83 17.68
C ASN B 130 -1.00 26.81 17.25
N LEU B 131 -1.83 26.11 18.02
CA LEU B 131 -3.24 25.96 17.67
C LEU B 131 -4.11 27.09 18.18
N LYS B 132 -3.65 27.84 19.18
CA LYS B 132 -4.44 28.88 19.83
C LYS B 132 -3.80 30.25 19.66
N THR B 133 -3.34 30.56 18.45
CA THR B 133 -2.79 31.88 18.18
C THR B 133 -3.88 32.93 18.30
N ARG B 134 -3.46 34.16 18.66
CA ARG B 134 -4.42 35.25 18.80
C ARG B 134 -5.16 35.51 17.50
N GLU B 135 -4.53 35.23 16.36
CA GLU B 135 -5.17 35.43 15.06
C GLU B 135 -6.21 34.36 14.76
N GLY B 136 -6.11 33.19 15.41
CA GLY B 136 -7.02 32.09 15.19
C GLY B 136 -6.51 31.03 14.24
N ASN B 137 -5.54 31.35 13.40
CA ASN B 137 -4.97 30.39 12.47
C ASN B 137 -3.77 29.69 13.10
N VAL B 138 -3.40 28.55 12.52
CA VAL B 138 -2.28 27.74 12.98
C VAL B 138 -1.07 28.09 12.14
N ARG B 139 0.02 28.46 12.80
CA ARG B 139 1.26 28.85 12.13
C ARG B 139 2.44 28.15 12.78
N VAL B 140 3.50 27.97 11.99
CA VAL B 140 4.71 27.32 12.49
C VAL B 140 5.28 28.16 13.62
N SER B 141 5.46 27.54 14.78
CA SER B 141 5.98 28.24 15.96
C SER B 141 7.49 28.12 16.07
N ARG B 142 8.04 26.92 15.84
CA ARG B 142 9.47 26.69 15.94
C ARG B 142 9.86 25.53 15.05
N GLU B 143 11.07 25.61 14.49
CA GLU B 143 11.61 24.57 13.62
C GLU B 143 12.88 24.02 14.25
N LEU B 144 12.85 22.73 14.59
CA LEU B 144 14.00 22.06 15.23
C LEU B 144 14.73 21.27 14.15
N ALA B 145 15.69 21.93 13.51
CA ALA B 145 16.43 21.35 12.39
C ALA B 145 17.85 20.94 12.80
N GLY B 146 18.04 20.61 14.08
CA GLY B 146 19.35 20.19 14.54
C GLY B 146 19.65 18.72 14.38
N HIS B 147 18.62 17.90 14.17
CA HIS B 147 18.81 16.47 14.00
C HIS B 147 19.36 16.16 12.61
N THR B 148 20.12 15.06 12.53
CA THR B 148 20.72 14.62 11.28
C THR B 148 20.01 13.39 10.71
N GLY B 149 18.81 13.09 11.18
CA GLY B 149 18.07 11.94 10.69
C GLY B 149 16.57 12.21 10.70
N TYR B 150 15.83 11.28 10.11
CA TYR B 150 14.39 11.42 10.04
C TYR B 150 13.76 11.32 11.42
N LEU B 151 12.83 12.23 11.71
CA LEU B 151 12.14 12.21 12.99
C LEU B 151 11.18 11.04 13.06
N SER B 152 11.41 10.14 14.00
CA SER B 152 10.59 8.93 14.13
C SER B 152 9.41 9.13 15.08
N CYS B 153 9.65 9.73 16.24
CA CYS B 153 8.59 9.94 17.22
C CYS B 153 8.93 11.16 18.07
N CYS B 154 7.88 11.79 18.61
CA CYS B 154 8.04 12.96 19.45
C CYS B 154 6.91 12.99 20.47
N ARG B 155 7.23 13.50 21.67
CA ARG B 155 6.26 13.59 22.75
C ARG B 155 6.53 14.86 23.54
N PHE B 156 5.45 15.55 23.91
CA PHE B 156 5.57 16.82 24.63
C PHE B 156 5.75 16.56 26.12
N LEU B 157 6.79 17.16 26.70
CA LEU B 157 6.95 17.14 28.15
C LEU B 157 6.14 18.24 28.81
N ASP B 158 6.07 19.41 28.17
CA ASP B 158 5.31 20.55 28.65
C ASP B 158 5.19 21.54 27.50
N ASP B 159 4.65 22.72 27.78
CA ASP B 159 4.48 23.73 26.75
C ASP B 159 5.79 24.25 26.19
N ASN B 160 6.92 23.97 26.85
CA ASN B 160 8.22 24.45 26.41
C ASN B 160 9.23 23.35 26.13
N GLN B 161 9.07 22.17 26.72
CA GLN B 161 9.99 21.06 26.54
C GLN B 161 9.33 19.95 25.73
N ILE B 162 10.09 19.32 24.86
CA ILE B 162 9.60 18.25 23.99
C ILE B 162 10.74 17.31 23.67
N VAL B 163 10.51 16.02 23.83
CA VAL B 163 11.48 14.99 23.47
C VAL B 163 11.16 14.49 22.06
N THR B 164 12.18 14.40 21.23
CA THR B 164 12.01 13.97 19.84
C THR B 164 13.05 12.91 19.51
N SER B 165 12.60 11.89 18.77
CA SER B 165 13.47 10.82 18.30
C SER B 165 13.78 11.04 16.83
N SER B 166 15.02 10.74 16.43
CA SER B 166 15.47 10.96 15.07
C SER B 166 16.23 9.74 14.59
N GLY B 167 16.37 9.63 13.27
CA GLY B 167 17.09 8.52 12.67
C GLY B 167 18.57 8.52 12.95
N ASP B 168 19.11 9.58 13.54
CA ASP B 168 20.54 9.68 13.86
C ASP B 168 20.96 8.78 15.01
N THR B 169 20.08 7.92 15.53
CA THR B 169 20.39 6.99 16.62
C THR B 169 20.61 7.70 17.95
N THR B 170 20.12 8.93 18.09
CA THR B 170 20.27 9.69 19.32
C THR B 170 19.05 10.58 19.53
N CYS B 171 18.53 10.57 20.75
CA CYS B 171 17.42 11.44 21.12
C CYS B 171 17.95 12.75 21.68
N ALA B 172 17.11 13.79 21.62
CA ALA B 172 17.49 15.12 22.06
C ALA B 172 16.32 15.78 22.76
N LEU B 173 16.63 16.53 23.82
CA LEU B 173 15.65 17.33 24.54
C LEU B 173 15.72 18.76 24.02
N TRP B 174 14.58 19.28 23.57
CA TRP B 174 14.51 20.58 22.92
C TRP B 174 13.77 21.58 23.79
N ASP B 175 14.24 22.83 23.75
CA ASP B 175 13.58 23.96 24.42
C ASP B 175 12.84 24.75 23.34
N ILE B 176 11.51 24.62 23.32
CA ILE B 176 10.72 25.25 22.27
C ILE B 176 10.94 26.77 22.26
N GLU B 177 11.21 27.36 23.43
CA GLU B 177 11.40 28.80 23.49
C GLU B 177 12.63 29.22 22.71
N THR B 178 13.77 28.56 22.96
CA THR B 178 15.02 28.89 22.29
C THR B 178 15.27 28.07 21.04
N GLY B 179 14.63 26.91 20.91
CA GLY B 179 14.84 26.07 19.75
C GLY B 179 16.23 25.47 19.67
N GLN B 180 16.75 24.97 20.79
CA GLN B 180 18.08 24.37 20.84
C GLN B 180 18.01 23.07 21.63
N GLN B 181 18.96 22.18 21.35
CA GLN B 181 19.03 20.89 22.02
C GLN B 181 19.47 21.10 23.47
N THR B 182 18.53 21.00 24.39
CA THR B 182 18.86 21.15 25.81
C THR B 182 19.76 20.02 26.29
N THR B 183 19.51 18.80 25.82
CA THR B 183 20.30 17.65 26.21
C THR B 183 20.24 16.61 25.08
N THR B 184 21.37 15.96 24.83
CA THR B 184 21.49 14.94 23.79
C THR B 184 21.67 13.58 24.44
N PHE B 185 20.88 12.61 23.99
CA PHE B 185 20.91 11.25 24.52
C PHE B 185 21.62 10.35 23.51
N THR B 186 22.82 9.90 23.86
CA THR B 186 23.62 9.04 23.00
C THR B 186 23.80 7.69 23.66
N GLY B 187 24.04 6.67 22.83
CA GLY B 187 24.23 5.32 23.31
C GLY B 187 23.55 4.28 22.45
N HIS B 188 22.51 4.69 21.73
CA HIS B 188 21.78 3.76 20.88
C HIS B 188 22.60 3.41 19.65
N THR B 189 22.48 2.16 19.20
CA THR B 189 23.24 1.71 18.04
C THR B 189 22.51 2.00 16.73
N GLY B 190 21.20 1.74 16.68
CA GLY B 190 20.41 1.95 15.49
C GLY B 190 19.52 3.17 15.59
N ASP B 191 18.63 3.29 14.61
CA ASP B 191 17.73 4.43 14.51
C ASP B 191 16.58 4.30 15.51
N VAL B 192 16.34 5.36 16.28
CA VAL B 192 15.25 5.35 17.24
C VAL B 192 13.92 5.41 16.50
N MET B 193 12.95 4.62 16.96
CA MET B 193 11.65 4.51 16.32
C MET B 193 10.53 5.19 17.10
N SER B 194 10.36 4.84 18.37
CA SER B 194 9.24 5.33 19.17
C SER B 194 9.74 5.92 20.48
N LEU B 195 8.89 6.76 21.08
CA LEU B 195 9.18 7.38 22.37
C LEU B 195 8.01 7.14 23.31
N SER B 196 8.29 7.19 24.61
CA SER B 196 7.27 7.01 25.62
C SER B 196 7.67 7.79 26.87
N LEU B 197 6.81 8.72 27.29
CA LEU B 197 7.07 9.53 28.47
C LEU B 197 6.39 8.92 29.69
N ALA B 198 7.11 8.89 30.81
CA ALA B 198 6.56 8.35 32.04
C ALA B 198 5.47 9.26 32.58
N PRO B 199 4.62 8.76 33.48
CA PRO B 199 3.56 9.61 34.04
C PRO B 199 4.11 10.88 34.68
N ASP B 200 5.25 10.79 35.34
CA ASP B 200 5.87 11.96 35.98
C ASP B 200 6.68 12.80 35.01
N THR B 201 6.85 12.36 33.77
CA THR B 201 7.61 13.09 32.75
C THR B 201 9.08 13.21 33.12
N ARG B 202 9.59 12.31 33.96
CA ARG B 202 10.98 12.34 34.38
C ARG B 202 11.84 11.31 33.66
N LEU B 203 11.25 10.25 33.11
CA LEU B 203 11.98 9.21 32.41
C LEU B 203 11.27 8.87 31.11
N PHE B 204 12.06 8.47 30.11
CA PHE B 204 11.52 8.07 28.83
C PHE B 204 12.38 6.95 28.25
N VAL B 205 11.74 5.97 27.62
CA VAL B 205 12.41 4.83 27.01
C VAL B 205 12.15 4.86 25.51
N SER B 206 12.93 4.07 24.78
CA SER B 206 12.79 4.00 23.33
C SER B 206 13.64 2.87 22.79
N GLY B 207 13.19 2.31 21.67
CA GLY B 207 13.94 1.29 20.95
C GLY B 207 14.66 1.91 19.76
N ALA B 208 15.80 1.31 19.40
CA ALA B 208 16.67 1.85 18.37
C ALA B 208 17.09 0.76 17.39
N CYS B 209 16.11 -0.03 16.92
CA CYS B 209 16.35 -1.05 15.91
C CYS B 209 17.52 -1.96 16.28
N ASP B 210 17.76 -2.14 17.58
CA ASP B 210 18.86 -2.96 18.07
C ASP B 210 18.38 -4.02 19.04
N ALA B 211 17.09 -4.33 19.04
CA ALA B 211 16.53 -5.34 19.93
C ALA B 211 16.83 -5.04 21.39
N SER B 212 16.85 -3.76 21.76
CA SER B 212 17.16 -3.36 23.11
C SER B 212 16.50 -2.01 23.41
N ALA B 213 16.03 -1.86 24.63
CA ALA B 213 15.42 -0.62 25.10
C ALA B 213 16.28 0.00 26.20
N LYS B 214 16.39 1.31 26.19
CA LYS B 214 17.23 2.04 27.14
C LYS B 214 16.39 3.04 27.93
N LEU B 215 16.62 3.09 29.23
CA LEU B 215 15.95 4.05 30.10
C LEU B 215 16.79 5.32 30.19
N TRP B 216 16.15 6.46 29.95
CA TRP B 216 16.83 7.74 29.89
C TRP B 216 16.24 8.68 30.94
N ASP B 217 17.09 9.56 31.48
CA ASP B 217 16.69 10.55 32.46
C ASP B 217 16.61 11.91 31.77
N VAL B 218 15.47 12.58 31.89
CA VAL B 218 15.29 13.87 31.24
C VAL B 218 16.19 14.92 31.87
N ARG B 219 16.29 14.92 33.20
CA ARG B 219 17.09 15.93 33.89
C ARG B 219 18.57 15.58 33.88
N GLU B 220 18.91 14.33 34.21
CA GLU B 220 20.31 13.93 34.26
C GLU B 220 20.88 13.70 32.87
N GLY B 221 20.07 13.20 31.95
CA GLY B 221 20.53 12.97 30.58
C GLY B 221 21.54 11.85 30.46
N MET B 222 21.14 10.65 30.88
CA MET B 222 22.02 9.49 30.80
C MET B 222 21.18 8.23 30.74
N CYS B 223 21.77 7.18 30.16
CA CYS B 223 21.11 5.88 30.06
C CYS B 223 21.12 5.22 31.43
N ARG B 224 20.01 5.33 32.15
CA ARG B 224 19.95 4.77 33.50
C ARG B 224 19.90 3.26 33.48
N GLN B 225 19.16 2.68 32.53
CA GLN B 225 19.02 1.23 32.44
C GLN B 225 18.96 0.82 30.97
N THR B 226 19.20 -0.47 30.73
CA THR B 226 19.19 -1.02 29.39
C THR B 226 18.60 -2.42 29.44
N PHE B 227 17.74 -2.74 28.47
CA PHE B 227 17.10 -4.03 28.36
C PHE B 227 17.41 -4.64 27.00
N THR B 228 17.59 -5.97 26.98
CA THR B 228 17.94 -6.70 25.77
C THR B 228 17.08 -7.95 25.64
N GLY B 229 15.77 -7.78 25.83
CA GLY B 229 14.85 -8.89 25.75
C GLY B 229 14.43 -9.25 24.34
N HIS B 230 14.24 -8.23 23.50
CA HIS B 230 13.78 -8.46 22.14
C HIS B 230 14.88 -9.11 21.30
N GLU B 231 14.52 -9.51 20.09
CA GLU B 231 15.43 -10.16 19.16
C GLU B 231 15.55 -9.46 17.82
N SER B 232 14.73 -8.47 17.54
CA SER B 232 14.76 -7.76 16.26
C SER B 232 14.53 -6.28 16.53
N ASP B 233 14.31 -5.52 15.45
CA ASP B 233 14.12 -4.08 15.58
C ASP B 233 12.86 -3.79 16.38
N ILE B 234 12.95 -2.81 17.28
CA ILE B 234 11.84 -2.37 18.10
C ILE B 234 11.22 -1.15 17.45
N ASN B 235 9.90 -1.21 17.21
CA ASN B 235 9.19 -0.13 16.55
C ASN B 235 8.17 0.59 17.43
N ALA B 236 7.81 0.01 18.57
CA ALA B 236 6.80 0.59 19.45
C ALA B 236 7.27 0.50 20.89
N ILE B 237 6.77 1.43 21.71
CA ILE B 237 7.11 1.45 23.13
C ILE B 237 6.09 2.33 23.84
N CYS B 238 5.67 1.90 25.02
CA CYS B 238 4.68 2.63 25.80
C CYS B 238 4.85 2.28 27.28
N PHE B 239 4.77 3.30 28.12
CA PHE B 239 4.94 3.09 29.56
C PHE B 239 3.67 2.51 30.18
N PHE B 240 3.88 1.71 31.23
CA PHE B 240 2.75 1.21 32.00
C PHE B 240 2.11 2.36 32.77
N PRO B 241 0.78 2.37 32.94
CA PRO B 241 0.13 3.48 33.65
C PRO B 241 0.77 3.83 34.98
N ASN B 242 1.39 2.87 35.66
CA ASN B 242 2.05 3.17 36.93
C ASN B 242 3.42 3.80 36.75
N GLY B 243 4.02 3.67 35.57
CA GLY B 243 5.32 4.24 35.30
C GLY B 243 6.50 3.36 35.68
N ASN B 244 6.26 2.17 36.22
CA ASN B 244 7.33 1.28 36.64
C ASN B 244 7.70 0.24 35.59
N ALA B 245 6.90 0.10 34.54
CA ALA B 245 7.17 -0.89 33.50
C ALA B 245 6.73 -0.34 32.16
N PHE B 246 7.11 -1.05 31.10
CA PHE B 246 6.76 -0.63 29.74
C PHE B 246 6.84 -1.84 28.83
N ALA B 247 6.05 -1.81 27.76
CA ALA B 247 6.03 -2.86 26.75
C ALA B 247 6.56 -2.31 25.43
N THR B 248 7.27 -3.16 24.70
CA THR B 248 7.91 -2.80 23.44
C THR B 248 7.46 -3.73 22.34
N GLY B 249 7.16 -3.17 21.17
CA GLY B 249 6.80 -3.94 20.00
C GLY B 249 7.95 -4.01 19.01
N SER B 250 8.20 -5.20 18.50
CA SER B 250 9.33 -5.45 17.60
C SER B 250 8.85 -6.23 16.38
N ASP B 251 9.70 -6.25 15.36
CA ASP B 251 9.38 -6.99 14.13
C ASP B 251 9.36 -8.49 14.34
N ASP B 252 9.83 -8.99 15.49
CA ASP B 252 9.83 -10.42 15.76
C ASP B 252 8.43 -10.98 16.02
N ALA B 253 7.40 -10.13 15.99
CA ALA B 253 6.01 -10.57 16.20
C ALA B 253 5.76 -10.96 17.66
N THR B 254 6.50 -10.36 18.59
CA THR B 254 6.36 -10.66 20.00
C THR B 254 6.43 -9.38 20.81
N CYS B 255 5.54 -9.23 21.79
CA CYS B 255 5.56 -8.11 22.71
C CYS B 255 6.14 -8.57 24.04
N ARG B 256 7.02 -7.75 24.60
CA ARG B 256 7.73 -8.10 25.83
C ARG B 256 7.59 -6.96 26.83
N LEU B 257 7.24 -7.31 28.07
CA LEU B 257 7.07 -6.34 29.14
C LEU B 257 8.36 -6.23 29.94
N PHE B 258 8.81 -5.01 30.19
CA PHE B 258 10.03 -4.75 30.93
C PHE B 258 9.72 -3.83 32.11
N ASP B 259 10.31 -4.15 33.26
CA ASP B 259 10.14 -3.36 34.47
C ASP B 259 11.45 -2.66 34.80
N LEU B 260 11.36 -1.37 35.12
CA LEU B 260 12.56 -0.61 35.44
C LEU B 260 13.23 -1.10 36.70
N ARG B 261 12.46 -1.69 37.62
CA ARG B 261 13.03 -2.19 38.87
C ARG B 261 13.61 -3.59 38.71
N ALA B 262 12.96 -4.44 37.93
CA ALA B 262 13.46 -5.80 37.73
C ALA B 262 14.66 -5.83 36.80
N ASP B 263 14.74 -4.90 35.86
CA ASP B 263 15.85 -4.82 34.90
C ASP B 263 15.90 -6.05 33.99
N GLN B 264 14.75 -6.70 33.78
CA GLN B 264 14.70 -7.87 32.91
C GLN B 264 13.27 -8.08 32.45
N GLU B 265 13.13 -8.87 31.39
CA GLU B 265 11.81 -9.15 30.83
C GLU B 265 10.97 -9.94 31.82
N LEU B 266 9.72 -9.52 32.01
CA LEU B 266 8.80 -10.22 32.90
C LEU B 266 8.01 -11.30 32.19
N MET B 267 7.59 -11.05 30.95
CA MET B 267 6.79 -12.00 30.18
C MET B 267 6.80 -11.57 28.72
N THR B 268 6.32 -12.47 27.86
CA THR B 268 6.25 -12.22 26.43
C THR B 268 4.86 -12.55 25.92
N TYR B 269 4.36 -11.72 25.00
CA TYR B 269 3.06 -11.91 24.38
C TYR B 269 3.27 -12.17 22.89
N SER B 270 2.92 -13.36 22.43
CA SER B 270 3.08 -13.72 21.04
C SER B 270 2.29 -15.00 20.78
N HIS B 271 2.17 -15.34 19.49
CA HIS B 271 1.46 -16.55 19.07
C HIS B 271 2.12 -17.10 17.82
N ASP B 272 1.97 -18.40 17.61
CA ASP B 272 2.60 -19.05 16.46
C ASP B 272 2.07 -18.46 15.15
N ASN B 273 0.74 -18.33 15.03
CA ASN B 273 0.15 -17.83 13.80
C ASN B 273 0.56 -16.38 13.53
N ILE B 274 0.93 -15.62 14.56
CA ILE B 274 1.32 -14.23 14.40
C ILE B 274 2.81 -14.20 14.10
N ILE B 275 3.15 -13.93 12.84
CA ILE B 275 4.55 -13.88 12.40
C ILE B 275 4.94 -12.52 11.85
N CYS B 276 3.99 -11.60 11.65
CA CYS B 276 4.31 -10.30 11.10
C CYS B 276 4.83 -9.37 12.19
N GLY B 277 5.42 -8.25 11.76
CA GLY B 277 6.02 -7.32 12.68
C GLY B 277 4.99 -6.52 13.46
N ILE B 278 5.50 -5.77 14.44
CA ILE B 278 4.68 -4.93 15.30
C ILE B 278 5.01 -3.47 15.00
N THR B 279 4.01 -2.61 15.10
CA THR B 279 4.16 -1.19 14.79
C THR B 279 3.82 -0.28 15.95
N SER B 280 2.81 -0.61 16.74
CA SER B 280 2.37 0.25 17.84
C SER B 280 1.96 -0.62 19.02
N VAL B 281 2.17 -0.09 20.22
CA VAL B 281 1.78 -0.75 21.46
C VAL B 281 1.34 0.31 22.45
N SER B 282 0.30 0.01 23.22
CA SER B 282 -0.22 0.95 24.21
C SER B 282 -0.94 0.18 25.30
N PHE B 283 -1.05 0.82 26.47
CA PHE B 283 -1.71 0.26 27.63
C PHE B 283 -2.98 1.04 27.93
N SER B 284 -3.97 0.35 28.50
CA SER B 284 -5.19 1.01 28.94
C SER B 284 -4.91 1.81 30.20
N LYS B 285 -5.96 2.45 30.74
CA LYS B 285 -5.81 3.25 31.95
C LYS B 285 -5.26 2.41 33.09
N SER B 286 -5.81 1.22 33.29
CA SER B 286 -5.34 0.34 34.36
C SER B 286 -4.13 -0.48 33.95
N GLY B 287 -3.87 -0.61 32.65
CA GLY B 287 -2.75 -1.39 32.17
C GLY B 287 -3.00 -2.88 32.05
N ARG B 288 -4.23 -3.34 32.34
CA ARG B 288 -4.51 -4.77 32.25
C ARG B 288 -4.57 -5.24 30.81
N LEU B 289 -4.91 -4.34 29.87
CA LEU B 289 -5.03 -4.68 28.46
C LEU B 289 -3.88 -4.05 27.70
N LEU B 290 -3.18 -4.86 26.91
CA LEU B 290 -2.05 -4.41 26.10
C LEU B 290 -2.48 -4.45 24.63
N LEU B 291 -2.91 -3.30 24.12
CA LEU B 291 -3.35 -3.19 22.72
C LEU B 291 -2.13 -2.91 21.85
N ALA B 292 -1.83 -3.83 20.94
CA ALA B 292 -0.68 -3.74 20.06
C ALA B 292 -1.13 -3.89 18.62
N GLY B 293 -0.66 -3.00 17.76
CA GLY B 293 -0.97 -3.06 16.34
C GLY B 293 0.01 -3.95 15.59
N TYR B 294 -0.52 -4.75 14.68
CA TYR B 294 0.27 -5.68 13.89
C TYR B 294 0.11 -5.39 12.41
N ASP B 295 1.08 -5.86 11.62
CA ASP B 295 1.06 -5.64 10.18
C ASP B 295 0.06 -6.54 9.45
N ASP B 296 -0.65 -7.42 10.17
CA ASP B 296 -1.63 -8.30 9.56
C ASP B 296 -2.99 -7.64 9.37
N PHE B 297 -3.05 -6.31 9.44
CA PHE B 297 -4.24 -5.49 9.23
C PHE B 297 -5.19 -5.54 10.42
N ASN B 298 -4.78 -6.11 11.55
CA ASN B 298 -5.63 -6.17 12.73
C ASN B 298 -4.77 -5.98 13.98
N CYS B 299 -5.42 -5.50 15.04
CA CYS B 299 -4.77 -5.26 16.33
C CYS B 299 -5.30 -6.27 17.34
N ASN B 300 -4.39 -6.98 18.00
CA ASN B 300 -4.75 -7.99 18.98
C ASN B 300 -4.58 -7.43 20.39
N VAL B 301 -5.60 -7.62 21.21
CA VAL B 301 -5.57 -7.17 22.61
C VAL B 301 -5.02 -8.30 23.46
N TRP B 302 -3.86 -8.06 24.09
CA TRP B 302 -3.18 -9.07 24.89
C TRP B 302 -3.37 -8.76 26.36
N ASP B 303 -3.67 -9.80 27.15
CA ASP B 303 -3.82 -9.65 28.59
C ASP B 303 -2.45 -9.44 29.23
N ALA B 304 -2.27 -8.30 29.91
CA ALA B 304 -0.99 -7.98 30.50
C ALA B 304 -0.57 -9.00 31.57
N LEU B 305 -1.51 -9.78 32.09
CA LEU B 305 -1.23 -10.76 33.13
C LEU B 305 -1.37 -12.20 32.67
N LYS B 306 -2.36 -12.50 31.84
CA LYS B 306 -2.60 -13.88 31.41
C LYS B 306 -1.86 -14.25 30.14
N ALA B 307 -1.34 -13.26 29.40
CA ALA B 307 -0.61 -13.53 28.15
C ALA B 307 -1.51 -14.23 27.13
N ASP B 308 -2.76 -13.78 27.04
CA ASP B 308 -3.73 -14.34 26.11
C ASP B 308 -4.36 -13.22 25.31
N ARG B 309 -4.86 -13.56 24.13
CA ARG B 309 -5.51 -12.60 23.24
C ARG B 309 -6.92 -12.37 23.73
N ALA B 310 -7.15 -11.21 24.36
CA ALA B 310 -8.47 -10.87 24.88
C ALA B 310 -9.40 -10.28 23.82
N GLY B 311 -8.88 -9.94 22.64
CA GLY B 311 -9.72 -9.39 21.59
C GLY B 311 -8.89 -9.14 20.36
N VAL B 312 -9.60 -8.87 19.27
CA VAL B 312 -8.98 -8.59 17.97
C VAL B 312 -9.76 -7.49 17.29
N LEU B 313 -9.04 -6.50 16.76
CA LEU B 313 -9.61 -5.36 16.06
C LEU B 313 -9.22 -5.49 14.59
N ALA B 314 -10.06 -6.21 13.82
CA ALA B 314 -9.81 -6.46 12.41
C ALA B 314 -10.63 -5.54 11.51
N GLY B 315 -10.85 -4.30 11.93
CA GLY B 315 -11.62 -3.35 11.14
C GLY B 315 -10.84 -2.61 10.09
N HIS B 316 -9.52 -2.67 10.12
CA HIS B 316 -8.68 -1.97 9.15
C HIS B 316 -8.34 -2.89 7.98
N ASP B 317 -8.17 -2.28 6.80
CA ASP B 317 -7.86 -3.01 5.59
C ASP B 317 -6.40 -2.91 5.18
N ASN B 318 -5.61 -2.07 5.85
CA ASN B 318 -4.20 -1.88 5.53
C ASN B 318 -3.38 -2.03 6.80
N ARG B 319 -2.06 -1.84 6.66
CA ARG B 319 -1.15 -2.02 7.78
C ARG B 319 -1.48 -1.03 8.90
N VAL B 320 -1.38 -1.50 10.14
CA VAL B 320 -1.56 -0.65 11.30
C VAL B 320 -0.26 0.07 11.58
N SER B 321 -0.33 1.39 11.74
CA SER B 321 0.84 2.23 11.95
C SER B 321 0.94 2.79 13.36
N CYS B 322 -0.15 3.29 13.93
CA CYS B 322 -0.14 3.91 15.24
C CYS B 322 -1.33 3.42 16.05
N LEU B 323 -1.17 3.49 17.37
CA LEU B 323 -2.23 3.06 18.28
C LEU B 323 -2.05 3.80 19.60
N GLY B 324 -3.12 4.39 20.10
CA GLY B 324 -3.07 5.13 21.35
C GLY B 324 -4.38 5.09 22.12
N VAL B 325 -4.28 5.00 23.45
CA VAL B 325 -5.44 4.95 24.33
C VAL B 325 -5.52 6.27 25.09
N THR B 326 -6.75 6.76 25.27
CA THR B 326 -6.95 8.00 25.99
C THR B 326 -6.48 7.87 27.43
N ASP B 327 -6.14 9.00 28.04
CA ASP B 327 -5.70 8.99 29.44
C ASP B 327 -6.79 8.43 30.34
N ASP B 328 -8.05 8.75 30.07
CA ASP B 328 -9.17 8.24 30.85
C ASP B 328 -9.56 6.81 30.47
N GLY B 329 -9.07 6.31 29.34
CA GLY B 329 -9.35 4.94 28.95
C GLY B 329 -10.77 4.70 28.44
N MET B 330 -11.46 5.75 27.98
CA MET B 330 -12.82 5.58 27.51
C MET B 330 -12.85 4.81 26.18
N ALA B 331 -12.12 5.31 25.19
CA ALA B 331 -12.07 4.70 23.87
C ALA B 331 -10.64 4.67 23.37
N VAL B 332 -10.38 3.78 22.41
CA VAL B 332 -9.07 3.62 21.79
C VAL B 332 -9.23 3.79 20.29
N ALA B 333 -8.29 4.51 19.68
CA ALA B 333 -8.27 4.75 18.25
C ALA B 333 -7.06 4.05 17.63
N THR B 334 -7.30 3.31 16.56
CA THR B 334 -6.25 2.55 15.87
C THR B 334 -6.04 3.15 14.50
N GLY B 335 -4.83 3.63 14.23
CA GLY B 335 -4.48 4.18 12.94
C GLY B 335 -3.92 3.12 12.00
N SER B 336 -4.17 3.30 10.72
CA SER B 336 -3.72 2.34 9.71
C SER B 336 -3.38 3.10 8.43
N TRP B 337 -2.72 2.38 7.51
CA TRP B 337 -2.33 2.97 6.24
C TRP B 337 -3.50 3.21 5.31
N ASP B 338 -4.71 2.75 5.67
CA ASP B 338 -5.88 2.93 4.82
C ASP B 338 -6.38 4.36 4.83
N SER B 339 -5.78 5.26 5.61
CA SER B 339 -6.17 6.67 5.69
C SER B 339 -7.48 6.86 6.45
N PHE B 340 -7.88 5.88 7.25
CA PHE B 340 -9.10 5.95 8.05
C PHE B 340 -8.77 5.63 9.50
N LEU B 341 -9.27 6.45 10.41
CA LEU B 341 -9.07 6.27 11.84
C LEU B 341 -10.37 5.78 12.47
N LYS B 342 -10.31 4.64 13.13
CA LYS B 342 -11.48 4.02 13.75
C LYS B 342 -11.31 4.04 15.27
N ILE B 343 -12.31 4.58 15.95
CA ILE B 343 -12.33 4.65 17.41
C ILE B 343 -13.14 3.47 17.94
N TRP B 344 -12.54 2.71 18.85
CA TRP B 344 -13.15 1.52 19.40
C TRP B 344 -13.46 1.73 20.88
N ASN B 345 -14.50 1.05 21.35
CA ASN B 345 -14.91 1.14 22.75
C ASN B 345 -15.71 -0.09 23.16
N PRO C 132 -54.23 -1.58 -43.33
CA PRO C 132 -53.26 -1.16 -42.31
C PRO C 132 -51.98 -1.98 -42.41
N PHE C 133 -50.84 -1.29 -42.39
CA PHE C 133 -49.56 -1.98 -42.42
C PHE C 133 -49.41 -2.90 -41.22
N TYR C 134 -49.66 -2.39 -40.02
CA TYR C 134 -49.62 -3.18 -38.80
C TYR C 134 -50.88 -4.04 -38.75
N ARG C 135 -50.75 -5.31 -39.14
CA ARG C 135 -51.92 -6.17 -39.27
C ARG C 135 -52.67 -6.31 -37.96
N CYS C 136 -51.94 -6.46 -36.85
CA CYS C 136 -52.54 -6.69 -35.53
C CYS C 136 -52.50 -5.44 -34.67
N GLN C 137 -52.70 -4.26 -35.27
CA GLN C 137 -52.72 -3.03 -34.49
C GLN C 137 -53.93 -2.98 -33.58
N ASN C 138 -55.11 -2.78 -34.16
CA ASN C 138 -56.27 -2.57 -33.33
C ASN C 138 -56.74 -3.89 -32.86
N THR C 139 -56.05 -4.93 -33.27
CA THR C 139 -56.48 -6.26 -32.95
C THR C 139 -56.30 -6.66 -31.50
N THR C 140 -56.94 -7.75 -31.10
CA THR C 140 -56.80 -8.27 -29.73
C THR C 140 -56.43 -9.74 -29.82
N SER C 141 -55.86 -10.13 -30.95
CA SER C 141 -55.42 -11.50 -31.16
C SER C 141 -53.91 -11.66 -31.27
N VAL C 142 -53.43 -12.88 -31.38
CA VAL C 142 -52.02 -13.13 -31.50
C VAL C 142 -51.94 -14.28 -32.44
N GLU C 143 -51.53 -14.02 -33.68
CA GLU C 143 -51.51 -15.06 -34.68
C GLU C 143 -50.91 -16.29 -34.11
N LYS C 144 -51.68 -17.06 -33.38
CA LYS C 144 -51.33 -18.38 -32.87
C LYS C 144 -50.17 -18.90 -33.66
N GLY C 145 -50.10 -18.55 -34.92
CA GLY C 145 -48.97 -18.94 -35.72
C GLY C 145 -47.70 -18.32 -35.20
N ASN C 146 -47.62 -18.04 -33.89
CA ASN C 146 -46.38 -17.57 -33.32
C ASN C 146 -46.24 -18.13 -31.92
N SER C 147 -45.17 -18.87 -31.66
CA SER C 147 -44.98 -19.53 -30.36
C SER C 147 -44.04 -18.80 -29.43
N ALA C 148 -44.54 -18.44 -28.27
CA ALA C 148 -43.75 -17.69 -27.31
C ALA C 148 -42.60 -18.47 -26.67
N VAL C 149 -41.80 -19.15 -27.49
CA VAL C 149 -40.62 -19.83 -26.96
C VAL C 149 -39.46 -18.87 -27.13
N MET C 150 -39.48 -18.11 -28.21
CA MET C 150 -38.35 -17.24 -28.48
C MET C 150 -38.32 -16.13 -27.50
N GLY C 151 -39.40 -15.90 -26.77
CA GLY C 151 -39.26 -14.89 -25.74
C GLY C 151 -38.95 -15.49 -24.38
N GLY C 152 -39.49 -16.67 -24.09
CA GLY C 152 -39.22 -17.29 -22.81
C GLY C 152 -37.75 -17.61 -22.62
N VAL C 153 -37.10 -18.11 -23.66
CA VAL C 153 -35.67 -18.42 -23.55
C VAL C 153 -34.86 -17.14 -23.40
N LEU C 154 -35.17 -16.13 -24.21
CA LEU C 154 -34.46 -14.85 -24.10
C LEU C 154 -34.65 -14.21 -22.74
N PHE C 155 -35.78 -14.45 -22.09
CA PHE C 155 -36.02 -13.92 -20.74
C PHE C 155 -35.26 -14.72 -19.70
N SER C 156 -35.35 -16.06 -19.77
CA SER C 156 -34.74 -16.90 -18.74
C SER C 156 -33.22 -16.80 -18.77
N THR C 157 -32.62 -16.85 -19.96
CA THR C 157 -31.16 -16.75 -20.04
C THR C 157 -30.67 -15.42 -19.48
N GLY C 158 -31.31 -14.33 -19.89
CA GLY C 158 -30.90 -13.02 -19.39
C GLY C 158 -31.12 -12.89 -17.90
N LEU C 159 -32.22 -13.43 -17.38
CA LEU C 159 -32.47 -13.38 -15.95
C LEU C 159 -31.38 -14.12 -15.19
N LEU C 160 -31.04 -15.33 -15.63
CA LEU C 160 -29.98 -16.09 -14.96
C LEU C 160 -28.65 -15.36 -15.03
N GLY C 161 -28.32 -14.80 -16.19
CA GLY C 161 -27.06 -14.07 -16.32
C GLY C 161 -27.00 -12.88 -15.38
N ASN C 162 -28.05 -12.07 -15.36
CA ASN C 162 -28.08 -10.90 -14.49
C ASN C 162 -28.07 -11.30 -13.02
N LEU C 163 -28.71 -12.42 -12.69
CA LEU C 163 -28.72 -12.89 -11.31
C LEU C 163 -27.33 -13.32 -10.87
N LEU C 164 -26.62 -14.06 -11.72
CA LEU C 164 -25.25 -14.44 -11.41
C LEU C 164 -24.36 -13.20 -11.29
N ALA C 165 -24.54 -12.22 -12.18
CA ALA C 165 -23.75 -11.00 -12.13
C ALA C 165 -23.98 -10.27 -10.81
N LEU C 166 -25.24 -10.08 -10.44
CA LEU C 166 -25.55 -9.38 -9.19
C LEU C 166 -25.08 -10.16 -7.97
N GLY C 167 -25.11 -11.50 -8.03
CA GLY C 167 -24.61 -12.29 -6.94
C GLY C 167 -23.11 -12.12 -6.76
N LEU C 168 -22.37 -12.15 -7.87
CA LEU C 168 -20.93 -11.91 -7.79
C LEU C 168 -20.63 -10.50 -7.28
N LEU C 169 -21.41 -9.52 -7.74
CA LEU C 169 -21.19 -8.14 -7.27
C LEU C 169 -21.48 -8.01 -5.78
N ALA C 170 -22.52 -8.68 -5.28
CA ALA C 170 -22.82 -8.62 -3.86
C ALA C 170 -21.74 -9.35 -3.05
N ARG C 171 -21.23 -10.46 -3.56
CA ARG C 171 -20.13 -11.13 -2.89
C ARG C 171 -18.90 -10.23 -2.83
N SER C 172 -18.62 -9.50 -3.90
CA SER C 172 -17.48 -8.59 -3.89
C SER C 172 -17.70 -7.43 -2.91
N GLY C 173 -18.93 -6.90 -2.86
CA GLY C 173 -19.20 -5.79 -1.98
C GLY C 173 -19.22 -6.15 -0.51
N LEU C 174 -19.67 -7.36 -0.19
CA LEU C 174 -19.74 -7.78 1.21
C LEU C 174 -18.34 -7.82 1.83
N GLY C 175 -17.40 -8.49 1.18
CA GLY C 175 -16.04 -8.59 1.67
C GLY C 175 -15.36 -7.24 1.77
N PRO C 184 -12.93 -6.92 -2.32
CA PRO C 184 -12.41 -5.85 -3.18
C PRO C 184 -12.87 -4.46 -2.75
N LEU C 185 -12.45 -3.44 -3.50
CA LEU C 185 -12.80 -2.06 -3.19
C LEU C 185 -13.57 -1.45 -4.36
N PRO C 186 -14.38 -0.42 -4.12
CA PRO C 186 -15.17 0.16 -5.21
C PRO C 186 -14.31 0.89 -6.22
N SER C 187 -14.81 0.94 -7.45
CA SER C 187 -14.11 1.62 -8.54
C SER C 187 -15.15 2.13 -9.53
N VAL C 188 -14.70 3.05 -10.40
CA VAL C 188 -15.59 3.63 -11.39
C VAL C 188 -16.17 2.55 -12.28
N PHE C 189 -15.30 1.68 -12.81
CA PHE C 189 -15.77 0.59 -13.67
C PHE C 189 -16.72 -0.33 -12.91
N TYR C 190 -16.45 -0.58 -11.64
CA TYR C 190 -17.33 -1.43 -10.85
C TYR C 190 -18.74 -0.85 -10.76
N MET C 191 -18.83 0.44 -10.41
CA MET C 191 -20.15 1.07 -10.29
C MET C 191 -20.84 1.15 -11.64
N LEU C 192 -20.08 1.40 -12.71
CA LEU C 192 -20.68 1.45 -14.04
C LEU C 192 -21.26 0.08 -14.42
N VAL C 193 -20.52 -0.99 -14.19
CA VAL C 193 -21.01 -2.33 -14.51
C VAL C 193 -22.22 -2.67 -13.63
N CYS C 194 -22.20 -2.24 -12.36
CA CYS C 194 -23.34 -2.48 -11.49
C CYS C 194 -24.58 -1.80 -12.04
N GLY C 195 -24.46 -0.52 -12.39
CA GLY C 195 -25.60 0.18 -12.97
C GLY C 195 -26.09 -0.48 -14.26
N LEU C 196 -25.15 -0.89 -15.12
CA LEU C 196 -25.53 -1.52 -16.38
C LEU C 196 -26.31 -2.80 -16.15
N THR C 197 -25.78 -3.69 -15.29
CA THR C 197 -26.45 -4.96 -15.06
C THR C 197 -27.79 -4.78 -14.35
N VAL C 198 -27.87 -3.83 -13.41
CA VAL C 198 -29.15 -3.57 -12.74
C VAL C 198 -30.17 -3.05 -13.74
N THR C 199 -29.76 -2.14 -14.62
CA THR C 199 -30.67 -1.63 -15.63
C THR C 199 -31.14 -2.73 -16.57
N ASP C 200 -30.22 -3.60 -16.99
CA ASP C 200 -30.60 -4.70 -17.89
C ASP C 200 -31.56 -5.65 -17.20
N LEU C 201 -31.32 -5.97 -15.93
CA LEU C 201 -32.24 -6.84 -15.21
C LEU C 201 -33.62 -6.19 -15.06
N LEU C 202 -33.66 -4.90 -14.74
CA LEU C 202 -34.94 -4.22 -14.63
C LEU C 202 -35.67 -4.19 -15.96
N GLY C 203 -34.98 -4.32 -17.02
CA GLY C 203 -35.72 -4.37 -18.24
C GLY C 203 -36.31 -5.72 -18.50
N LYS C 204 -35.45 -6.71 -18.56
CA LYS C 204 -35.92 -8.04 -18.88
C LYS C 204 -37.14 -8.21 -18.06
N CYS C 205 -37.09 -8.18 -16.73
CA CYS C 205 -38.34 -8.23 -15.94
C CYS C 205 -39.55 -7.57 -16.62
N LEU C 206 -39.78 -6.29 -16.42
CA LEU C 206 -40.99 -5.70 -17.01
C LEU C 206 -41.36 -6.28 -18.37
N LEU C 207 -40.46 -6.13 -19.30
CA LEU C 207 -40.90 -6.48 -20.62
C LEU C 207 -41.25 -7.94 -20.87
N SER C 208 -40.36 -8.82 -20.48
CA SER C 208 -40.62 -10.21 -20.71
C SER C 208 -41.91 -10.58 -19.99
N PRO C 209 -42.01 -10.21 -18.70
CA PRO C 209 -43.31 -10.49 -18.13
C PRO C 209 -44.50 -10.09 -19.01
N VAL C 210 -44.67 -8.83 -19.35
CA VAL C 210 -45.82 -8.54 -20.23
C VAL C 210 -45.93 -9.43 -21.47
N VAL C 211 -44.89 -9.55 -22.26
CA VAL C 211 -45.04 -10.33 -23.48
C VAL C 211 -45.52 -11.70 -23.22
N LEU C 212 -44.91 -12.36 -22.26
CA LEU C 212 -45.28 -13.76 -22.03
C LEU C 212 -46.70 -13.80 -21.56
N ALA C 213 -47.07 -12.99 -20.58
CA ALA C 213 -48.45 -12.89 -20.19
C ALA C 213 -49.28 -13.00 -21.41
N ALA C 214 -49.15 -12.00 -22.24
CA ALA C 214 -49.92 -12.02 -23.46
C ALA C 214 -49.88 -13.37 -24.08
N TYR C 215 -48.84 -13.68 -24.83
CA TYR C 215 -48.85 -14.98 -25.55
C TYR C 215 -49.75 -15.96 -24.83
N ALA C 216 -49.38 -16.29 -23.59
CA ALA C 216 -50.17 -17.23 -22.79
C ALA C 216 -51.67 -16.97 -22.72
N GLN C 217 -52.08 -16.09 -21.82
CA GLN C 217 -53.47 -15.74 -21.75
C GLN C 217 -54.17 -15.73 -23.13
N ASN C 218 -53.53 -15.22 -24.19
CA ASN C 218 -54.09 -15.19 -25.56
C ASN C 218 -54.73 -13.86 -25.96
N ARG C 219 -54.44 -12.80 -25.23
CA ARG C 219 -55.00 -11.47 -25.45
C ARG C 219 -53.86 -10.47 -25.58
N SER C 220 -53.97 -9.59 -26.58
CA SER C 220 -52.93 -8.60 -26.82
C SER C 220 -52.83 -7.63 -25.64
N LEU C 221 -51.79 -6.80 -25.67
CA LEU C 221 -51.57 -5.84 -24.60
C LEU C 221 -52.71 -4.83 -24.51
N ARG C 222 -53.29 -4.46 -25.66
CA ARG C 222 -54.39 -3.50 -25.65
C ARG C 222 -55.63 -4.03 -24.94
N VAL C 223 -55.72 -5.34 -24.73
CA VAL C 223 -56.83 -5.95 -24.02
C VAL C 223 -56.39 -6.86 -22.88
N LEU C 224 -55.08 -6.90 -22.66
CA LEU C 224 -54.54 -7.79 -21.64
C LEU C 224 -54.71 -7.19 -20.29
N ALA C 225 -55.00 -5.89 -20.24
CA ALA C 225 -55.29 -5.27 -18.95
C ALA C 225 -56.67 -4.83 -19.13
N PRO C 226 -57.58 -5.78 -19.34
CA PRO C 226 -58.92 -5.37 -19.67
C PRO C 226 -59.36 -4.50 -18.53
N ALA C 227 -59.12 -3.20 -18.67
CA ALA C 227 -59.45 -2.29 -17.60
C ALA C 227 -59.18 -0.92 -18.10
N LEU C 228 -58.72 -0.04 -17.22
CA LEU C 228 -58.35 1.28 -17.66
C LEU C 228 -57.07 1.11 -18.42
N ASP C 229 -57.14 0.44 -19.56
CA ASP C 229 -55.90 0.13 -20.25
C ASP C 229 -55.85 -0.06 -21.74
N ASN C 230 -56.11 0.98 -22.52
CA ASN C 230 -55.82 0.88 -23.92
C ASN C 230 -54.35 1.10 -23.67
N SER C 231 -54.02 1.33 -22.40
CA SER C 231 -52.62 1.42 -22.01
C SER C 231 -51.96 0.05 -22.09
N LEU C 232 -50.73 -0.06 -21.61
CA LEU C 232 -49.87 -1.23 -21.65
C LEU C 232 -49.32 -1.48 -23.05
N CYS C 233 -49.73 -0.72 -24.06
CA CYS C 233 -49.16 -0.78 -25.39
C CYS C 233 -48.21 0.37 -25.66
N GLN C 234 -48.53 1.56 -25.17
CA GLN C 234 -47.59 2.69 -25.22
C GLN C 234 -46.58 2.63 -24.09
N ALA C 235 -47.00 2.17 -22.91
CA ALA C 235 -46.08 2.06 -21.78
C ALA C 235 -45.04 0.97 -22.01
N PHE C 236 -45.47 -0.16 -22.59
CA PHE C 236 -44.52 -1.23 -22.89
C PHE C 236 -43.44 -0.74 -23.85
N ALA C 237 -43.85 -0.09 -24.94
CA ALA C 237 -42.87 0.44 -25.89
C ALA C 237 -42.02 1.54 -25.27
N PHE C 238 -42.60 2.38 -24.42
CA PHE C 238 -41.82 3.41 -23.73
C PHE C 238 -40.72 2.77 -22.89
N PHE C 239 -41.07 1.77 -22.09
CA PHE C 239 -40.07 1.10 -21.27
C PHE C 239 -39.03 0.41 -22.14
N MET C 240 -39.46 -0.24 -23.21
CA MET C 240 -38.52 -0.90 -24.11
C MET C 240 -37.50 0.09 -24.65
N SER C 241 -37.97 1.19 -25.23
CA SER C 241 -37.05 2.19 -25.78
C SER C 241 -36.17 2.81 -24.71
N PHE C 242 -36.73 3.11 -23.54
CA PHE C 242 -35.93 3.68 -22.46
C PHE C 242 -34.80 2.74 -22.06
N PHE C 243 -35.12 1.47 -21.82
CA PHE C 243 -34.10 0.52 -21.42
C PHE C 243 -33.06 0.29 -22.51
N GLY C 244 -33.49 0.23 -23.78
CA GLY C 244 -32.52 0.07 -24.85
C GLY C 244 -31.56 1.24 -24.93
N LEU C 245 -32.10 2.46 -24.93
CA LEU C 245 -31.26 3.65 -25.00
C LEU C 245 -30.35 3.76 -23.78
N SER C 246 -30.85 3.37 -22.60
CA SER C 246 -30.04 3.44 -21.40
C SER C 246 -28.90 2.42 -21.44
N SER C 247 -29.18 1.21 -21.91
CA SER C 247 -28.12 0.22 -22.06
C SER C 247 -27.06 0.70 -23.05
N THR C 248 -27.51 1.26 -24.18
CA THR C 248 -26.56 1.78 -25.16
C THR C 248 -25.71 2.90 -24.58
N LEU C 249 -26.34 3.83 -23.85
CA LEU C 249 -25.61 4.94 -23.27
C LEU C 249 -24.62 4.47 -22.22
N GLN C 250 -25.01 3.50 -21.39
CA GLN C 250 -24.10 3.00 -20.37
C GLN C 250 -22.94 2.22 -20.98
N LEU C 251 -23.20 1.47 -22.05
CA LEU C 251 -22.12 0.80 -22.75
C LEU C 251 -21.15 1.80 -23.35
N LEU C 252 -21.67 2.86 -23.96
CA LEU C 252 -20.80 3.91 -24.50
C LEU C 252 -20.01 4.58 -23.40
N ALA C 253 -20.63 4.84 -22.25
CA ALA C 253 -19.92 5.47 -21.14
C ALA C 253 -18.80 4.57 -20.63
N MET C 254 -19.05 3.27 -20.50
CA MET C 254 -18.02 2.36 -20.05
C MET C 254 -16.88 2.28 -21.06
N ALA C 255 -17.22 2.23 -22.36
CA ALA C 255 -16.18 2.20 -23.38
C ALA C 255 -15.33 3.47 -23.34
N LEU C 256 -15.98 4.62 -23.19
CA LEU C 256 -15.23 5.88 -23.13
C LEU C 256 -14.37 5.94 -21.89
N GLU C 257 -14.87 5.45 -20.76
CA GLU C 257 -14.08 5.42 -19.53
C GLU C 257 -12.85 4.55 -19.71
N CYS C 258 -13.01 3.35 -20.29
CA CYS C 258 -11.88 2.48 -20.52
C CYS C 258 -10.87 3.12 -21.48
N TRP C 259 -11.37 3.74 -22.55
CA TRP C 259 -10.48 4.40 -23.50
C TRP C 259 -9.68 5.51 -22.84
N LEU C 260 -10.36 6.35 -22.04
CA LEU C 260 -9.66 7.44 -21.37
C LEU C 260 -8.67 6.92 -20.35
N SER C 261 -8.99 5.81 -19.68
CA SER C 261 -8.11 5.28 -18.65
C SER C 261 -6.85 4.66 -19.26
N LEU C 262 -7.01 3.95 -20.38
CA LEU C 262 -5.90 3.23 -20.97
C LEU C 262 -5.08 4.08 -21.95
N GLY C 263 -5.68 5.07 -22.60
CA GLY C 263 -4.97 5.90 -23.54
C GLY C 263 -4.58 7.25 -22.98
N HIS C 264 -5.33 7.73 -21.99
CA HIS C 264 -5.07 9.02 -21.35
C HIS C 264 -5.08 8.83 -19.85
N PRO C 265 -4.06 8.16 -19.30
CA PRO C 265 -4.07 7.88 -17.86
C PRO C 265 -4.08 9.14 -17.01
N PHE C 266 -3.34 10.18 -17.43
CA PHE C 266 -3.31 11.41 -16.65
C PHE C 266 -4.68 12.09 -16.61
N PHE C 267 -5.36 12.15 -17.76
CA PHE C 267 -6.69 12.74 -17.79
C PHE C 267 -7.65 11.98 -16.87
N TYR C 268 -7.56 10.64 -16.88
CA TYR C 268 -8.42 9.84 -16.02
C TYR C 268 -8.13 10.12 -14.55
N ARG C 269 -6.85 10.10 -14.17
CA ARG C 269 -6.50 10.35 -12.78
C ARG C 269 -6.87 11.77 -12.35
N ARG C 270 -6.91 12.70 -13.29
CA ARG C 270 -7.17 14.10 -12.94
C ARG C 270 -8.67 14.39 -12.84
N HIS C 271 -9.45 14.02 -13.84
CA HIS C 271 -10.85 14.42 -13.93
C HIS C 271 -11.84 13.34 -13.56
N ILE C 272 -11.53 12.07 -13.82
CA ILE C 272 -12.45 10.97 -13.57
C ILE C 272 -12.26 10.46 -12.15
N THR C 273 -13.36 10.36 -11.40
CA THR C 273 -13.34 9.87 -10.03
C THR C 273 -14.60 9.04 -9.79
N LEU C 274 -14.83 8.55 -8.58
CA LEU C 274 -15.99 7.73 -8.29
C LEU C 274 -17.24 8.56 -8.16
N ARG C 275 -17.11 9.84 -7.87
CA ARG C 275 -18.29 10.70 -7.87
C ARG C 275 -18.87 10.87 -9.27
N LEU C 276 -18.01 10.85 -10.29
CA LEU C 276 -18.48 10.99 -11.66
C LEU C 276 -19.19 9.71 -12.13
N GLY C 277 -18.58 8.56 -11.85
CA GLY C 277 -19.24 7.30 -12.21
C GLY C 277 -20.54 7.08 -11.47
N ALA C 278 -20.63 7.58 -10.24
CA ALA C 278 -21.88 7.43 -9.49
C ALA C 278 -23.01 8.21 -10.12
N LEU C 279 -22.71 9.36 -10.72
CA LEU C 279 -23.73 10.18 -11.35
C LEU C 279 -23.96 9.84 -12.81
N VAL C 280 -23.01 9.15 -13.44
CA VAL C 280 -23.17 8.78 -14.85
C VAL C 280 -24.48 8.02 -15.07
N ALA C 281 -24.71 6.97 -14.28
CA ALA C 281 -25.89 6.13 -14.51
C ALA C 281 -27.19 6.88 -14.23
N PRO C 282 -27.36 7.57 -13.09
CA PRO C 282 -28.59 8.36 -12.91
C PRO C 282 -28.83 9.36 -14.02
N VAL C 283 -27.78 10.06 -14.46
CA VAL C 283 -27.95 11.05 -15.54
C VAL C 283 -28.36 10.36 -16.83
N VAL C 284 -27.75 9.20 -17.12
CA VAL C 284 -28.11 8.46 -18.33
C VAL C 284 -29.58 8.05 -18.27
N SER C 285 -30.03 7.55 -17.12
CA SER C 285 -31.41 7.13 -16.99
C SER C 285 -32.37 8.32 -17.14
N ALA C 286 -32.02 9.46 -16.55
CA ALA C 286 -32.86 10.64 -16.67
C ALA C 286 -32.95 11.10 -18.12
N PHE C 287 -31.81 11.09 -18.83
CA PHE C 287 -31.82 11.48 -20.24
C PHE C 287 -32.65 10.52 -21.07
N SER C 288 -32.53 9.23 -20.79
CA SER C 288 -33.33 8.24 -21.52
C SER C 288 -34.81 8.46 -21.28
N LEU C 289 -35.20 8.73 -20.03
CA LEU C 289 -36.61 9.01 -19.73
C LEU C 289 -37.09 10.25 -20.47
N ALA C 290 -36.29 11.32 -20.42
CA ALA C 290 -36.70 12.56 -21.08
C ALA C 290 -36.81 12.38 -22.59
N PHE C 291 -35.97 11.52 -23.16
CA PHE C 291 -36.01 11.32 -24.61
C PHE C 291 -37.18 10.42 -25.00
N CYS C 292 -37.47 9.38 -24.20
CA CYS C 292 -38.55 8.47 -24.52
C CYS C 292 -39.92 9.00 -24.09
N ALA C 293 -39.97 10.12 -23.37
CA ALA C 293 -41.24 10.75 -23.04
C ALA C 293 -41.77 11.63 -24.18
N LEU C 294 -41.04 11.74 -25.28
CA LEU C 294 -41.49 12.61 -26.37
C LEU C 294 -42.74 12.11 -27.07
N PRO C 295 -42.90 10.82 -27.37
CA PRO C 295 -44.12 10.38 -28.07
C PRO C 295 -45.40 10.81 -27.39
N PHE C 296 -45.38 11.10 -26.09
CA PHE C 296 -46.57 11.56 -25.38
C PHE C 296 -46.81 13.05 -25.53
N MET C 297 -45.89 13.79 -26.17
CA MET C 297 -46.04 15.23 -26.37
C MET C 297 -46.35 15.55 -27.84
N GLY C 298 -46.77 14.55 -28.62
CA GLY C 298 -47.08 14.76 -30.02
C GLY C 298 -45.96 14.44 -30.98
N PHE C 299 -44.77 14.14 -30.49
CA PHE C 299 -43.61 13.84 -31.33
C PHE C 299 -43.29 12.35 -31.15
N GLY C 300 -43.88 11.52 -32.00
CA GLY C 300 -43.70 10.09 -31.93
C GLY C 300 -44.96 9.37 -31.47
N LYS C 301 -45.04 8.09 -31.83
CA LYS C 301 -46.18 7.26 -31.49
C LYS C 301 -45.72 5.84 -31.23
N PHE C 302 -46.55 5.09 -30.50
CA PHE C 302 -46.33 3.69 -30.21
C PHE C 302 -47.47 2.87 -30.81
N VAL C 303 -47.13 1.78 -31.48
CA VAL C 303 -48.12 0.93 -32.16
C VAL C 303 -47.80 -0.52 -31.88
N GLN C 304 -48.81 -1.37 -32.07
CA GLN C 304 -48.67 -2.80 -31.86
C GLN C 304 -48.30 -3.50 -33.17
N TYR C 305 -47.52 -4.58 -33.05
CA TYR C 305 -47.03 -5.32 -34.19
C TYR C 305 -47.84 -6.60 -34.39
N CYS C 306 -47.40 -7.42 -35.34
CA CYS C 306 -48.18 -8.61 -35.71
C CYS C 306 -48.38 -9.57 -34.55
N PRO C 307 -47.34 -10.00 -33.82
CA PRO C 307 -47.58 -10.93 -32.70
C PRO C 307 -48.56 -10.41 -31.67
N GLY C 308 -48.76 -9.09 -31.58
CA GLY C 308 -49.69 -8.51 -30.65
C GLY C 308 -49.28 -8.55 -29.20
N THR C 309 -48.18 -9.23 -28.86
CA THR C 309 -47.73 -9.35 -27.49
C THR C 309 -46.71 -8.29 -27.11
N TRP C 310 -46.36 -7.37 -28.02
CA TRP C 310 -45.37 -6.35 -27.74
C TRP C 310 -45.65 -5.14 -28.62
N CYS C 311 -45.00 -4.03 -28.27
CA CYS C 311 -45.15 -2.78 -29.01
C CYS C 311 -43.80 -2.06 -29.05
N PHE C 312 -43.70 -1.09 -29.96
CA PHE C 312 -42.48 -0.32 -30.14
C PHE C 312 -42.82 0.92 -30.94
N ILE C 313 -41.83 1.81 -31.06
CA ILE C 313 -41.97 3.06 -31.80
C ILE C 313 -42.52 2.75 -33.19
N GLN C 314 -43.34 3.66 -33.72
CA GLN C 314 -43.93 3.51 -35.04
C GLN C 314 -42.85 3.76 -36.08
N MET C 315 -42.07 2.72 -36.35
CA MET C 315 -40.93 2.86 -37.26
C MET C 315 -41.39 3.21 -38.67
N VAL C 316 -42.55 2.73 -39.08
CA VAL C 316 -43.06 3.03 -40.40
C VAL C 316 -43.48 4.43 -40.36
N HIS C 317 -44.43 4.84 -41.21
CA HIS C 317 -44.74 6.25 -41.28
C HIS C 317 -46.04 6.52 -41.92
N GLU C 318 -46.97 5.65 -41.67
CA GLU C 318 -48.28 5.81 -42.23
C GLU C 318 -48.21 6.46 -43.58
N GLU C 319 -48.42 7.77 -43.61
CA GLU C 319 -48.44 8.50 -44.85
C GLU C 319 -47.22 9.35 -44.97
N GLY C 320 -46.53 9.59 -43.86
CA GLY C 320 -45.30 10.35 -43.91
C GLY C 320 -45.19 11.59 -43.04
N SER C 321 -45.71 11.52 -41.83
CA SER C 321 -45.69 12.68 -40.98
C SER C 321 -44.34 12.84 -40.36
N LEU C 322 -43.61 13.82 -40.82
CA LEU C 322 -42.31 14.06 -40.27
C LEU C 322 -42.46 14.16 -38.80
N SER C 323 -43.69 14.21 -38.33
CA SER C 323 -43.82 14.21 -36.91
C SER C 323 -43.83 12.77 -36.47
N VAL C 324 -44.57 11.90 -37.14
CA VAL C 324 -44.40 10.55 -36.59
C VAL C 324 -43.05 9.98 -36.99
N LEU C 325 -42.61 10.26 -38.22
CA LEU C 325 -41.33 9.71 -38.68
C LEU C 325 -40.15 10.44 -38.05
N GLY C 326 -40.35 11.67 -37.58
CA GLY C 326 -39.25 12.43 -37.02
C GLY C 326 -38.67 11.77 -35.77
N TYR C 327 -39.54 11.36 -34.85
CA TYR C 327 -39.05 10.72 -33.63
C TYR C 327 -38.35 9.40 -33.95
N SER C 328 -38.89 8.62 -34.89
CA SER C 328 -38.27 7.37 -35.26
C SER C 328 -36.87 7.60 -35.84
N VAL C 329 -36.74 8.54 -36.78
CA VAL C 329 -35.44 8.78 -37.39
C VAL C 329 -34.47 9.35 -36.37
N LEU C 330 -34.96 10.18 -35.44
CA LEU C 330 -34.08 10.74 -34.43
C LEU C 330 -33.56 9.65 -33.50
N TYR C 331 -34.45 8.74 -33.07
CA TYR C 331 -34.02 7.63 -32.24
C TYR C 331 -33.01 6.76 -32.97
N SER C 332 -33.27 6.47 -34.26
CA SER C 332 -32.34 5.66 -35.03
C SER C 332 -30.98 6.33 -35.15
N SER C 333 -30.97 7.64 -35.42
CA SER C 333 -29.71 8.36 -35.56
C SER C 333 -28.94 8.39 -34.25
N LEU C 334 -29.65 8.61 -33.14
CA LEU C 334 -28.99 8.60 -31.84
C LEU C 334 -28.40 7.24 -31.53
N MET C 335 -29.16 6.17 -31.78
CA MET C 335 -28.65 4.82 -31.54
C MET C 335 -27.43 4.54 -32.41
N ALA C 336 -27.47 4.94 -33.68
CA ALA C 336 -26.33 4.71 -34.56
C ALA C 336 -25.10 5.48 -34.10
N LEU C 337 -25.29 6.74 -33.68
CA LEU C 337 -24.16 7.54 -33.22
C LEU C 337 -23.56 6.92 -31.95
N LEU C 338 -24.40 6.50 -31.01
CA LEU C 338 -23.90 5.88 -29.80
C LEU C 338 -23.17 4.58 -30.10
N VAL C 339 -23.70 3.78 -31.03
CA VAL C 339 -23.06 2.52 -31.39
C VAL C 339 -21.70 2.78 -32.02
N LEU C 340 -21.63 3.78 -32.91
CA LEU C 340 -20.36 4.09 -33.55
C LEU C 340 -19.35 4.61 -32.54
N ALA C 341 -19.79 5.45 -31.60
CA ALA C 341 -18.88 5.94 -30.57
C ALA C 341 -18.37 4.80 -29.69
N THR C 342 -19.26 3.88 -29.33
CA THR C 342 -18.83 2.73 -28.52
C THR C 342 -17.83 1.87 -29.29
N VAL C 343 -18.08 1.67 -30.58
CA VAL C 343 -17.16 0.85 -31.39
C VAL C 343 -15.81 1.53 -31.49
N LEU C 344 -15.79 2.85 -31.69
CA LEU C 344 -14.52 3.57 -31.77
C LEU C 344 -13.77 3.51 -30.46
N CYS C 345 -14.48 3.67 -29.33
CA CYS C 345 -13.84 3.59 -28.03
C CYS C 345 -13.28 2.19 -27.78
N ASN C 346 -14.02 1.15 -28.16
CA ASN C 346 -13.53 -0.21 -27.99
C ASN C 346 -12.30 -0.46 -28.87
N LEU C 347 -12.31 0.07 -30.09
CA LEU C 347 -11.15 -0.07 -30.96
C LEU C 347 -9.93 0.62 -30.37
N GLY C 348 -10.12 1.83 -29.83
CA GLY C 348 -9.01 2.51 -29.19
C GLY C 348 -8.49 1.77 -27.97
N ALA C 349 -9.40 1.24 -27.16
CA ALA C 349 -8.98 0.47 -25.99
C ALA C 349 -8.22 -0.78 -26.40
N MET C 350 -8.67 -1.45 -27.46
CA MET C 350 -7.96 -2.64 -27.92
C MET C 350 -6.60 -2.28 -28.51
N ARG C 351 -6.50 -1.13 -29.19
CA ARG C 351 -5.20 -0.69 -29.68
C ARG C 351 -4.24 -0.42 -28.52
N ASN C 352 -4.73 0.26 -27.48
CA ASN C 352 -3.88 0.51 -26.31
C ASN C 352 -3.48 -0.80 -25.64
N LEU C 353 -4.41 -1.76 -25.56
CA LEU C 353 -4.08 -3.04 -24.94
C LEU C 353 -3.05 -3.80 -25.77
N TYR C 354 -3.15 -3.73 -27.10
CA TYR C 354 -2.17 -4.38 -27.95
C TYR C 354 -0.80 -3.72 -27.82
N ALA C 355 -0.77 -2.39 -27.70
CA ALA C 355 0.50 -1.71 -27.46
C ALA C 355 1.10 -2.13 -26.13
N MET C 356 0.27 -2.23 -25.09
CA MET C 356 0.77 -2.69 -23.79
C MET C 356 1.28 -4.11 -23.87
N HIS C 357 0.61 -4.97 -24.64
CA HIS C 357 1.07 -6.35 -24.80
C HIS C 357 2.41 -6.38 -25.53
N ARG C 358 2.56 -5.57 -26.57
CA ARG C 358 3.83 -5.49 -27.27
C ARG C 358 4.94 -5.03 -26.34
N ARG C 359 4.66 -4.03 -25.51
CA ARG C 359 5.64 -3.57 -24.53
C ARG C 359 5.94 -4.62 -23.46
N LEU C 360 4.97 -5.47 -23.12
CA LEU C 360 5.16 -6.51 -22.12
C LEU C 360 5.89 -7.73 -22.66
N GLN C 361 5.81 -7.99 -23.96
CA GLN C 361 6.61 -9.07 -24.54
C GLN C 361 8.08 -8.91 -24.17
N ARG C 362 8.59 -7.68 -24.25
CA ARG C 362 9.88 -7.36 -23.68
C ARG C 362 9.74 -7.15 -22.17
N HIS C 363 10.87 -7.17 -21.48
CA HIS C 363 10.85 -7.02 -20.02
C HIS C 363 10.13 -5.75 -19.57
N PRO C 364 10.35 -4.58 -20.17
CA PRO C 364 9.64 -3.37 -19.73
C PRO C 364 8.12 -3.52 -19.78
N GLN C 384 -2.93 -15.77 -10.67
CA GLN C 384 -4.39 -15.75 -10.65
C GLN C 384 -4.97 -14.77 -11.67
N PRO C 385 -4.49 -13.52 -11.69
CA PRO C 385 -5.05 -12.54 -12.62
C PRO C 385 -4.52 -12.77 -14.04
N LEU C 386 -5.19 -12.11 -14.99
CA LEU C 386 -4.84 -12.19 -16.40
C LEU C 386 -4.48 -10.81 -16.92
N GLU C 387 -3.60 -10.78 -17.90
CA GLU C 387 -3.11 -9.52 -18.45
C GLU C 387 -3.98 -9.07 -19.61
N GLU C 388 -3.51 -8.04 -20.33
CA GLU C 388 -4.32 -7.39 -21.35
C GLU C 388 -4.71 -8.35 -22.47
N LEU C 389 -4.04 -9.49 -22.59
CA LEU C 389 -4.33 -10.41 -23.70
C LEU C 389 -5.76 -10.93 -23.64
N ASP C 390 -6.27 -11.20 -22.43
CA ASP C 390 -7.64 -11.68 -22.30
C ASP C 390 -8.64 -10.54 -22.44
N HIS C 391 -8.29 -9.35 -21.94
CA HIS C 391 -9.14 -8.19 -22.13
C HIS C 391 -9.33 -7.87 -23.60
N LEU C 392 -8.30 -8.11 -24.41
CA LEU C 392 -8.42 -7.90 -25.85
C LEU C 392 -9.53 -8.77 -26.43
N LEU C 393 -9.51 -10.07 -26.15
CA LEU C 393 -10.53 -10.96 -26.67
C LEU C 393 -11.90 -10.59 -26.12
N LEU C 394 -11.97 -10.26 -24.82
CA LEU C 394 -13.24 -9.87 -24.23
C LEU C 394 -13.84 -8.66 -24.94
N LEU C 395 -13.04 -7.61 -25.12
CA LEU C 395 -13.54 -6.41 -25.78
C LEU C 395 -13.90 -6.68 -27.24
N ALA C 396 -13.12 -7.52 -27.93
CA ALA C 396 -13.44 -7.83 -29.32
C ALA C 396 -14.79 -8.55 -29.42
N LEU C 397 -14.99 -9.58 -28.60
CA LEU C 397 -16.26 -10.29 -28.60
C LEU C 397 -17.41 -9.35 -28.25
N MET C 398 -17.22 -8.52 -27.22
CA MET C 398 -18.27 -7.59 -26.83
C MET C 398 -18.63 -6.63 -27.95
N THR C 399 -17.63 -6.03 -28.61
CA THR C 399 -17.91 -5.10 -29.70
C THR C 399 -18.61 -5.80 -30.85
N VAL C 400 -18.13 -6.99 -31.23
CA VAL C 400 -18.74 -7.72 -32.34
C VAL C 400 -20.21 -8.00 -32.04
N LEU C 401 -20.49 -8.55 -30.86
CA LEU C 401 -21.86 -8.91 -30.53
C LEU C 401 -22.75 -7.67 -30.41
N PHE C 402 -22.23 -6.60 -29.81
CA PHE C 402 -23.01 -5.38 -29.68
C PHE C 402 -23.35 -4.80 -31.04
N THR C 403 -22.39 -4.75 -31.96
CA THR C 403 -22.67 -4.25 -33.30
C THR C 403 -23.69 -5.14 -34.02
N MET C 404 -23.50 -6.46 -33.96
CA MET C 404 -24.41 -7.37 -34.65
C MET C 404 -25.81 -7.31 -34.07
N CYS C 405 -25.97 -6.94 -32.80
CA CYS C 405 -27.28 -6.84 -32.19
C CYS C 405 -27.91 -5.47 -32.35
N SER C 406 -27.10 -4.42 -32.54
CA SER C 406 -27.63 -3.07 -32.64
C SER C 406 -27.85 -2.62 -34.08
N LEU C 407 -27.17 -3.23 -35.05
CA LEU C 407 -27.32 -2.82 -36.44
C LEU C 407 -28.70 -3.15 -37.01
N PRO C 408 -29.28 -4.31 -36.69
CA PRO C 408 -30.58 -4.66 -37.29
C PRO C 408 -31.68 -3.63 -37.02
N VAL C 409 -31.82 -3.19 -35.77
CA VAL C 409 -32.91 -2.25 -35.44
C VAL C 409 -32.71 -0.93 -36.16
N ILE C 410 -31.47 -0.44 -36.22
CA ILE C 410 -31.20 0.82 -36.91
C ILE C 410 -31.49 0.69 -38.40
N TYR C 411 -31.07 -0.42 -39.00
CA TYR C 411 -31.33 -0.65 -40.41
C TYR C 411 -32.83 -0.68 -40.68
N ARG C 412 -33.59 -1.40 -39.86
CA ARG C 412 -35.03 -1.47 -40.06
C ARG C 412 -35.68 -0.11 -39.87
N ALA C 413 -35.22 0.66 -38.88
CA ALA C 413 -35.77 2.00 -38.68
C ALA C 413 -35.54 2.88 -39.90
N TYR C 414 -34.30 2.93 -40.40
CA TYR C 414 -34.02 3.74 -41.58
C TYR C 414 -34.83 3.25 -42.79
N TYR C 415 -34.97 1.94 -42.93
CA TYR C 415 -35.72 1.39 -44.06
C TYR C 415 -37.17 1.83 -44.01
N GLY C 416 -37.84 1.59 -42.88
CA GLY C 416 -39.20 2.04 -42.72
C GLY C 416 -39.35 3.55 -42.77
N ALA C 417 -38.25 4.29 -42.56
CA ALA C 417 -38.31 5.75 -42.60
C ALA C 417 -38.29 6.27 -44.03
N PHE C 418 -37.21 5.98 -44.77
CA PHE C 418 -37.02 6.60 -46.08
C PHE C 418 -36.85 5.62 -47.23
N LYS C 419 -36.61 4.34 -46.97
CA LYS C 419 -36.39 3.39 -48.06
C LYS C 419 -37.70 2.72 -48.49
N ASP C 420 -38.71 3.54 -48.79
CA ASP C 420 -39.99 3.02 -49.24
C ASP C 420 -40.89 4.18 -49.63
N VAL C 421 -41.79 3.93 -50.58
CA VAL C 421 -42.85 4.85 -50.95
C VAL C 421 -44.21 4.26 -50.62
N LYS C 422 -44.43 3.00 -50.95
CA LYS C 422 -45.61 2.25 -50.55
C LYS C 422 -45.15 0.85 -50.12
N GLU C 423 -45.34 0.53 -48.86
CA GLU C 423 -44.78 -0.71 -48.30
C GLU C 423 -45.30 -1.92 -49.07
N LYS C 424 -44.41 -2.89 -49.27
CA LYS C 424 -44.73 -4.13 -49.96
C LYS C 424 -44.30 -5.32 -49.10
N ASN C 425 -45.03 -6.42 -49.25
CA ASN C 425 -44.74 -7.65 -48.52
C ASN C 425 -44.78 -7.40 -47.01
N ARG C 426 -45.98 -7.03 -46.54
CA ARG C 426 -46.17 -6.72 -45.12
C ARG C 426 -45.63 -7.84 -44.23
N THR C 427 -45.80 -9.09 -44.66
CA THR C 427 -45.34 -10.22 -43.85
C THR C 427 -43.84 -10.16 -43.62
N SER C 428 -43.06 -9.96 -44.68
CA SER C 428 -41.61 -9.91 -44.54
C SER C 428 -41.18 -8.70 -43.70
N GLU C 429 -41.82 -7.56 -43.90
CA GLU C 429 -41.49 -6.37 -43.11
C GLU C 429 -41.73 -6.63 -41.63
N GLU C 430 -42.88 -7.23 -41.30
CA GLU C 430 -43.18 -7.50 -39.89
C GLU C 430 -42.20 -8.52 -39.31
N ALA C 431 -41.90 -9.57 -40.07
CA ALA C 431 -40.95 -10.58 -39.59
C ALA C 431 -39.58 -9.96 -39.34
N GLU C 432 -39.13 -9.08 -40.22
CA GLU C 432 -37.82 -8.46 -40.04
C GLU C 432 -37.83 -7.48 -38.87
N ASP C 433 -38.93 -6.73 -38.70
CA ASP C 433 -39.04 -5.84 -37.55
C ASP C 433 -39.00 -6.63 -36.25
N LEU C 434 -39.62 -7.80 -36.22
CA LEU C 434 -39.56 -8.64 -35.03
C LEU C 434 -38.15 -9.19 -34.81
N ARG C 435 -37.52 -9.75 -35.81
CA ARG C 435 -36.18 -10.21 -35.64
C ARG C 435 -35.32 -9.13 -35.11
N ALA C 436 -35.31 -7.98 -35.75
CA ALA C 436 -34.35 -6.95 -35.35
C ALA C 436 -34.31 -6.81 -33.84
N LEU C 437 -35.47 -6.65 -33.20
CA LEU C 437 -35.51 -6.56 -31.75
C LEU C 437 -35.16 -7.88 -31.08
N ARG C 438 -35.46 -9.01 -31.73
CA ARG C 438 -35.04 -10.30 -31.19
C ARG C 438 -33.52 -10.33 -30.99
N PHE C 439 -32.78 -9.80 -31.95
CA PHE C 439 -31.32 -9.74 -31.81
C PHE C 439 -30.90 -8.64 -30.85
N LEU C 440 -31.57 -7.47 -30.93
CA LEU C 440 -31.22 -6.37 -30.05
C LEU C 440 -31.33 -6.76 -28.58
N SER C 441 -32.28 -7.64 -28.25
CA SER C 441 -32.44 -8.06 -26.87
C SER C 441 -31.28 -8.92 -26.37
N VAL C 442 -30.41 -9.38 -27.27
CA VAL C 442 -29.30 -10.24 -26.86
C VAL C 442 -28.19 -9.44 -26.19
N ILE C 443 -28.20 -8.11 -26.32
CA ILE C 443 -27.16 -7.30 -25.67
C ILE C 443 -27.27 -7.43 -24.16
N SER C 444 -28.49 -7.44 -23.63
CA SER C 444 -28.69 -7.56 -22.19
C SER C 444 -28.29 -8.94 -21.67
N ILE C 445 -28.33 -9.97 -22.52
CA ILE C 445 -27.87 -11.28 -22.10
C ILE C 445 -26.36 -11.42 -22.23
N VAL C 446 -25.75 -10.71 -23.18
CA VAL C 446 -24.31 -10.81 -23.40
C VAL C 446 -23.53 -9.95 -22.41
N ASP C 447 -24.04 -8.78 -22.06
CA ASP C 447 -23.28 -7.87 -21.20
C ASP C 447 -22.90 -8.48 -19.86
N PRO C 448 -23.81 -9.06 -19.09
CA PRO C 448 -23.41 -9.57 -17.76
C PRO C 448 -22.28 -10.58 -17.81
N TRP C 449 -22.39 -11.59 -18.67
CA TRP C 449 -21.35 -12.60 -18.79
C TRP C 449 -20.00 -11.95 -19.10
N ILE C 450 -19.91 -11.28 -20.26
CA ILE C 450 -18.64 -10.73 -20.70
C ILE C 450 -18.05 -9.78 -19.66
N PHE C 451 -18.90 -9.01 -18.98
CA PHE C 451 -18.41 -7.96 -18.11
C PHE C 451 -18.07 -8.42 -16.70
N ILE C 452 -18.67 -9.51 -16.22
CA ILE C 452 -18.43 -9.96 -14.85
C ILE C 452 -17.98 -11.42 -14.82
N ILE C 453 -18.78 -12.30 -15.41
CA ILE C 453 -18.55 -13.73 -15.23
C ILE C 453 -17.21 -14.16 -15.82
N PHE C 454 -16.94 -13.75 -17.06
CA PHE C 454 -15.66 -14.09 -17.68
C PHE C 454 -14.49 -13.44 -16.96
N ARG C 455 -14.73 -12.36 -16.21
CA ARG C 455 -13.68 -11.73 -15.43
C ARG C 455 -13.60 -12.28 -14.01
N SER C 456 -14.69 -12.83 -13.48
CA SER C 456 -14.68 -13.34 -12.11
C SER C 456 -13.71 -14.51 -12.02
N PRO C 457 -12.78 -14.50 -11.06
CA PRO C 457 -11.86 -15.65 -10.93
C PRO C 457 -12.58 -16.96 -10.68
N VAL C 458 -13.72 -16.94 -9.98
CA VAL C 458 -14.44 -18.16 -9.68
C VAL C 458 -14.81 -18.91 -10.96
N PHE C 459 -15.12 -18.18 -12.03
CA PHE C 459 -15.48 -18.82 -13.29
C PHE C 459 -14.25 -19.18 -14.10
N ARG C 460 -13.21 -18.34 -14.07
CA ARG C 460 -12.00 -18.62 -14.83
C ARG C 460 -11.26 -19.84 -14.32
N ILE C 461 -11.47 -20.22 -13.06
CA ILE C 461 -10.81 -21.41 -12.52
C ILE C 461 -11.17 -22.64 -13.33
N PHE C 462 -12.44 -22.79 -13.69
CA PHE C 462 -12.90 -23.91 -14.50
C PHE C 462 -12.76 -23.64 -16.00
N PHE C 463 -13.00 -22.40 -16.41
CA PHE C 463 -12.88 -22.04 -17.82
C PHE C 463 -11.43 -21.81 -18.20
N THR D 6 40.59 6.52 17.40
CA THR D 6 40.03 7.27 18.52
C THR D 6 38.56 6.92 18.73
N ALA D 7 37.76 7.07 17.67
CA ALA D 7 36.34 6.76 17.76
C ALA D 7 36.11 5.29 18.07
N SER D 8 36.88 4.41 17.42
CA SER D 8 36.71 2.98 17.65
C SER D 8 36.92 2.63 19.12
N ILE D 9 37.92 3.21 19.76
CA ILE D 9 38.18 2.93 21.16
C ILE D 9 37.31 3.80 22.07
N ALA D 10 36.96 5.01 21.63
CA ALA D 10 36.10 5.87 22.45
C ALA D 10 34.71 5.24 22.62
N GLN D 11 34.18 4.62 21.55
CA GLN D 11 32.90 3.95 21.67
C GLN D 11 32.95 2.83 22.68
N ALA D 12 34.01 2.02 22.65
CA ALA D 12 34.14 0.93 23.61
C ALA D 12 34.29 1.47 25.03
N ARG D 13 35.04 2.56 25.19
CA ARG D 13 35.20 3.15 26.52
C ARG D 13 33.87 3.64 27.05
N LYS D 14 33.09 4.33 26.21
CA LYS D 14 31.79 4.81 26.65
C LYS D 14 30.85 3.65 26.98
N LEU D 15 30.90 2.58 26.17
CA LEU D 15 30.07 1.42 26.44
C LEU D 15 30.44 0.80 27.78
N VAL D 16 31.74 0.67 28.06
CA VAL D 16 32.17 0.08 29.33
C VAL D 16 31.75 0.97 30.50
N GLU D 17 31.88 2.29 30.34
CA GLU D 17 31.48 3.20 31.40
C GLU D 17 29.98 3.09 31.68
N GLN D 18 29.17 3.07 30.62
CA GLN D 18 27.73 2.98 30.79
C GLN D 18 27.35 1.64 31.42
N LEU D 19 28.02 0.56 31.02
CA LEU D 19 27.72 -0.75 31.59
C LEU D 19 28.09 -0.79 33.08
N LYS D 20 29.21 -0.18 33.44
CA LYS D 20 29.57 -0.10 34.86
C LYS D 20 28.55 0.71 35.64
N MET D 21 28.09 1.83 35.08
CA MET D 21 27.10 2.66 35.76
C MET D 21 25.79 1.90 35.92
N GLU D 22 25.40 1.11 34.92
CA GLU D 22 24.14 0.37 34.96
C GLU D 22 24.22 -0.88 35.82
N ALA D 23 25.42 -1.41 36.05
CA ALA D 23 25.55 -2.63 36.83
C ALA D 23 25.25 -2.39 38.31
N ASN D 24 25.60 -1.21 38.82
CA ASN D 24 25.46 -0.87 40.23
C ASN D 24 24.08 -0.31 40.57
N ILE D 25 23.08 -0.52 39.71
CA ILE D 25 21.74 -0.02 40.01
C ILE D 25 21.10 -0.88 41.10
N ASP D 26 20.08 -0.31 41.74
CA ASP D 26 19.34 -1.00 42.80
C ASP D 26 18.29 -1.91 42.16
N ARG D 27 18.73 -3.11 41.81
CA ARG D 27 17.85 -4.09 41.19
C ARG D 27 16.91 -4.69 42.23
N ILE D 28 15.66 -4.88 41.85
CA ILE D 28 14.63 -5.40 42.74
C ILE D 28 14.20 -6.78 42.25
N LYS D 29 13.72 -7.59 43.19
CA LYS D 29 13.28 -8.94 42.85
C LYS D 29 12.08 -8.87 41.90
N VAL D 30 11.85 -9.98 41.20
CA VAL D 30 10.75 -10.02 40.24
C VAL D 30 9.42 -10.34 40.91
N SER D 31 9.46 -11.07 42.03
CA SER D 31 8.21 -11.40 42.72
C SER D 31 7.53 -10.15 43.24
N LYS D 32 8.29 -9.24 43.84
CA LYS D 32 7.70 -8.00 44.36
C LYS D 32 7.17 -7.14 43.23
N ALA D 33 7.89 -7.09 42.10
CA ALA D 33 7.41 -6.32 40.96
C ALA D 33 6.10 -6.90 40.42
N ALA D 34 6.02 -8.23 40.33
CA ALA D 34 4.79 -8.85 39.86
C ALA D 34 3.64 -8.59 40.82
N ALA D 35 3.91 -8.65 42.13
CA ALA D 35 2.87 -8.37 43.11
C ALA D 35 2.39 -6.93 42.99
N ASP D 36 3.31 -5.98 42.83
CA ASP D 36 2.91 -4.58 42.68
C ASP D 36 2.11 -4.37 41.41
N LEU D 37 2.52 -5.01 40.32
CA LEU D 37 1.77 -4.88 39.06
C LEU D 37 0.36 -5.44 39.21
N MET D 38 0.22 -6.61 39.85
CA MET D 38 -1.10 -7.19 40.05
C MET D 38 -1.96 -6.29 40.95
N ALA D 39 -1.36 -5.72 42.00
CA ALA D 39 -2.10 -4.82 42.87
C ALA D 39 -2.59 -3.60 42.10
N TYR D 40 -1.71 -3.00 41.29
CA TYR D 40 -2.11 -1.83 40.50
C TYR D 40 -3.21 -2.19 39.51
N CYS D 41 -3.12 -3.37 38.89
CA CYS D 41 -4.13 -3.78 37.92
C CYS D 41 -5.48 -3.97 38.60
N GLU D 42 -5.51 -4.70 39.72
CA GLU D 42 -6.76 -4.96 40.41
C GLU D 42 -7.32 -3.71 41.09
N ALA D 43 -6.48 -2.72 41.35
CA ALA D 43 -6.95 -1.50 42.00
C ALA D 43 -7.77 -0.65 41.03
N HIS D 44 -7.21 -0.36 39.86
CA HIS D 44 -7.88 0.47 38.86
C HIS D 44 -8.68 -0.36 37.86
N ALA D 45 -9.00 -1.61 38.20
CA ALA D 45 -9.77 -2.46 37.29
C ALA D 45 -11.12 -1.83 36.97
N LYS D 46 -11.86 -1.42 38.00
CA LYS D 46 -13.17 -0.81 37.78
C LYS D 46 -13.06 0.54 37.08
N GLU D 47 -11.93 1.23 37.21
CA GLU D 47 -11.72 2.54 36.60
C GLU D 47 -11.26 2.45 35.15
N ASP D 48 -11.30 1.26 34.55
CA ASP D 48 -10.88 1.06 33.16
C ASP D 48 -12.10 0.81 32.30
N PRO D 49 -12.59 1.80 31.55
CA PRO D 49 -13.77 1.56 30.70
C PRO D 49 -13.56 0.46 29.68
N LEU D 50 -12.32 0.16 29.30
CA LEU D 50 -12.08 -0.91 28.33
C LEU D 50 -12.14 -2.28 28.98
N LEU D 51 -11.59 -2.43 30.18
CA LEU D 51 -11.61 -3.72 30.86
C LEU D 51 -13.04 -4.11 31.26
N THR D 52 -13.76 -3.19 31.93
CA THR D 52 -15.12 -3.45 32.36
C THR D 52 -16.12 -2.80 31.42
N PRO D 53 -17.34 -3.33 31.32
CA PRO D 53 -18.33 -2.74 30.40
C PRO D 53 -18.86 -1.42 30.91
N VAL D 54 -18.48 -0.33 30.25
CA VAL D 54 -18.94 1.00 30.65
C VAL D 54 -20.41 1.15 30.27
N PRO D 55 -21.25 1.75 31.12
CA PRO D 55 -22.66 1.92 30.75
C PRO D 55 -22.80 2.70 29.45
N ALA D 56 -23.89 2.40 28.73
CA ALA D 56 -24.14 3.07 27.45
C ALA D 56 -24.35 4.57 27.66
N SER D 57 -25.13 4.94 28.69
CA SER D 57 -25.41 6.34 28.94
C SER D 57 -24.13 7.13 29.17
N GLU D 58 -23.26 6.63 30.05
CA GLU D 58 -22.01 7.32 30.35
C GLU D 58 -21.07 7.37 29.15
N ASN D 59 -21.20 6.46 28.20
CA ASN D 59 -20.33 6.43 27.04
C ASN D 59 -20.64 7.61 26.12
N PRO D 60 -19.72 8.55 25.89
CA PRO D 60 -20.00 9.65 24.97
C PRO D 60 -20.04 9.22 23.50
N PHE D 61 -19.64 7.98 23.19
CA PHE D 61 -19.56 7.51 21.81
C PHE D 61 -20.83 6.79 21.35
N ARG D 62 -21.98 7.13 21.92
CA ARG D 62 -23.24 6.51 21.52
C ARG D 62 -23.79 7.17 20.26
N GLN E 23 20.21 -10.94 24.41
CA GLN E 23 20.81 -10.06 23.41
C GLN E 23 21.38 -10.86 22.25
N VAL E 24 21.30 -10.29 21.05
CA VAL E 24 21.85 -10.95 19.87
C VAL E 24 23.37 -11.00 19.99
N GLN E 25 23.94 -12.19 19.82
CA GLN E 25 25.37 -12.39 19.94
C GLN E 25 25.86 -13.25 18.79
N LEU E 26 26.97 -12.83 18.18
CA LEU E 26 27.60 -13.58 17.09
C LEU E 26 29.09 -13.65 17.36
N GLN E 27 29.63 -14.87 17.35
CA GLN E 27 31.05 -15.11 17.64
C GLN E 27 31.67 -15.85 16.48
N GLU E 28 32.36 -15.13 15.61
CA GLU E 28 33.04 -15.73 14.48
C GLU E 28 34.34 -16.38 14.91
N SER E 29 34.71 -17.47 14.24
CA SER E 29 35.93 -18.20 14.56
C SER E 29 36.34 -19.00 13.32
N GLY E 30 37.54 -19.57 13.40
CA GLY E 30 38.09 -20.37 12.33
C GLY E 30 39.06 -19.64 11.43
N GLY E 31 39.21 -18.32 11.60
CA GLY E 31 40.13 -17.57 10.77
C GLY E 31 41.55 -17.58 11.29
N GLY E 32 42.48 -17.35 10.39
CA GLY E 32 43.89 -17.33 10.76
C GLY E 32 44.77 -17.14 9.54
N LEU E 33 46.06 -17.33 9.76
CA LEU E 33 47.03 -17.20 8.68
C LEU E 33 47.02 -18.44 7.79
N VAL E 34 47.38 -18.25 6.53
CA VAL E 34 47.39 -19.33 5.56
C VAL E 34 48.22 -18.89 4.36
N GLN E 35 48.78 -19.86 3.65
CA GLN E 35 49.55 -19.60 2.44
C GLN E 35 48.64 -19.61 1.23
N PRO E 36 49.09 -19.07 0.10
CA PRO E 36 48.26 -19.09 -1.12
C PRO E 36 47.86 -20.50 -1.49
N GLY E 37 46.58 -20.72 -1.70
CA GLY E 37 46.05 -22.02 -2.05
C GLY E 37 45.60 -22.88 -0.89
N GLY E 38 45.67 -22.36 0.33
CA GLY E 38 45.25 -23.12 1.50
C GLY E 38 43.75 -23.27 1.59
N SER E 39 43.25 -23.63 2.77
CA SER E 39 41.82 -23.81 2.97
C SER E 39 41.48 -23.55 4.43
N LEU E 40 40.42 -22.79 4.66
CA LEU E 40 39.92 -22.49 5.99
C LEU E 40 38.43 -22.80 6.08
N ARG E 41 37.96 -22.97 7.31
CA ARG E 41 36.55 -23.28 7.59
C ARG E 41 36.11 -22.39 8.75
N LEU E 42 35.53 -21.23 8.42
CA LEU E 42 35.06 -20.32 9.45
C LEU E 42 33.80 -20.86 10.11
N SER E 43 33.61 -20.48 11.38
CA SER E 43 32.46 -20.91 12.16
C SER E 43 31.95 -19.75 12.98
N CYS E 44 30.63 -19.56 12.99
CA CYS E 44 29.98 -18.50 13.74
C CYS E 44 28.96 -19.10 14.68
N ALA E 45 29.07 -18.79 15.96
CA ALA E 45 28.18 -19.32 16.99
C ALA E 45 27.03 -18.33 17.22
N ALA E 46 25.85 -18.70 16.74
CA ALA E 46 24.68 -17.85 16.90
C ALA E 46 24.03 -18.07 18.26
N SER E 47 23.33 -17.04 18.73
CA SER E 47 22.66 -17.10 20.02
C SER E 47 21.78 -15.86 20.18
N GLY E 48 20.71 -16.01 20.94
CA GLY E 48 19.81 -14.90 21.22
C GLY E 48 18.71 -14.71 20.20
N PHE E 49 18.42 -15.71 19.38
CA PHE E 49 17.38 -15.59 18.37
C PHE E 49 17.20 -16.95 17.71
N THR E 50 16.16 -17.06 16.88
CA THR E 50 15.88 -18.29 16.13
C THR E 50 16.76 -18.28 14.88
N PHE E 51 17.83 -19.08 14.91
CA PHE E 51 18.77 -19.12 13.80
C PHE E 51 18.09 -19.53 12.50
N SER E 52 17.01 -20.31 12.58
CA SER E 52 16.35 -20.80 11.38
C SER E 52 15.40 -19.79 10.76
N ASN E 53 14.95 -18.80 11.54
CA ASN E 53 13.98 -17.82 11.06
C ASN E 53 14.63 -16.62 10.38
N TYR E 54 15.96 -16.53 10.37
CA TYR E 54 16.67 -15.41 9.80
C TYR E 54 17.64 -15.88 8.73
N LYS E 55 17.85 -15.05 7.70
CA LYS E 55 18.80 -15.35 6.65
C LYS E 55 20.20 -14.92 7.08
N MET E 56 21.19 -15.73 6.74
CA MET E 56 22.58 -15.48 7.10
C MET E 56 23.35 -14.97 5.89
N ASN E 57 24.15 -13.93 6.10
CA ASN E 57 24.97 -13.35 5.05
C ASN E 57 26.39 -13.14 5.56
N TRP E 58 27.37 -13.37 4.68
CA TRP E 58 28.77 -13.20 5.01
C TRP E 58 29.29 -11.94 4.35
N VAL E 59 29.95 -11.08 5.13
CA VAL E 59 30.53 -9.84 4.65
C VAL E 59 31.95 -9.72 5.19
N ARG E 60 32.81 -9.08 4.41
CA ARG E 60 34.21 -8.90 4.78
C ARG E 60 34.63 -7.46 4.52
N GLN E 61 35.62 -7.00 5.28
CA GLN E 61 36.16 -5.65 5.15
C GLN E 61 37.66 -5.75 4.93
N ALA E 62 38.10 -5.54 3.70
CA ALA E 62 39.51 -5.61 3.39
C ALA E 62 40.26 -4.48 4.07
N PRO E 63 41.56 -4.64 4.29
CA PRO E 63 42.35 -3.56 4.92
C PRO E 63 42.31 -2.30 4.07
N GLY E 64 41.81 -1.21 4.67
CA GLY E 64 41.67 0.04 3.96
C GLY E 64 40.62 -0.05 2.87
N LYS E 65 39.43 -0.53 3.22
CA LYS E 65 38.34 -0.68 2.27
C LYS E 65 37.04 -0.79 3.06
N GLY E 66 35.92 -0.82 2.33
CA GLY E 66 34.61 -0.92 2.93
C GLY E 66 34.09 -2.35 2.96
N LEU E 67 32.92 -2.50 3.59
CA LEU E 67 32.30 -3.80 3.70
C LEU E 67 31.96 -4.36 2.33
N GLU E 68 32.24 -5.65 2.13
CA GLU E 68 31.98 -6.33 0.87
C GLU E 68 31.17 -7.58 1.13
N TRP E 69 30.03 -7.71 0.45
CA TRP E 69 29.20 -8.89 0.59
C TRP E 69 29.89 -10.10 -0.04
N VAL E 70 29.86 -11.22 0.67
CA VAL E 70 30.54 -12.43 0.23
C VAL E 70 29.52 -13.42 -0.31
N SER E 71 28.60 -13.86 0.54
CA SER E 71 27.61 -14.85 0.16
C SER E 71 26.47 -14.84 1.17
N ASP E 72 25.41 -15.57 0.84
CA ASP E 72 24.24 -15.68 1.70
C ASP E 72 23.67 -17.08 1.59
N ILE E 73 22.86 -17.45 2.58
CA ILE E 73 22.20 -18.75 2.61
C ILE E 73 20.81 -18.57 3.20
N SER E 74 19.79 -19.06 2.49
CA SER E 74 18.42 -18.87 2.92
C SER E 74 18.16 -19.60 4.23
N GLN E 75 16.94 -19.41 4.76
CA GLN E 75 16.58 -20.04 6.03
C GLN E 75 16.68 -21.56 5.93
N SER E 76 16.01 -22.16 4.95
CA SER E 76 16.04 -23.61 4.79
C SER E 76 17.35 -24.11 4.20
N GLY E 77 18.20 -23.22 3.70
CA GLY E 77 19.48 -23.61 3.13
C GLY E 77 19.43 -24.04 1.69
N ALA E 78 18.32 -23.81 1.00
CA ALA E 78 18.21 -24.23 -0.40
C ALA E 78 18.85 -23.20 -1.32
N SER E 79 18.39 -21.95 -1.27
CA SER E 79 18.92 -20.90 -2.12
C SER E 79 20.25 -20.43 -1.58
N ILE E 80 21.29 -20.47 -2.43
CA ILE E 80 22.63 -20.05 -2.06
C ILE E 80 23.21 -19.25 -3.22
N SER E 81 24.00 -18.23 -2.88
CA SER E 81 24.62 -17.38 -3.90
C SER E 81 25.95 -16.88 -3.39
N TYR E 82 26.87 -16.64 -4.32
CA TYR E 82 28.19 -16.12 -4.01
C TYR E 82 28.53 -15.01 -4.99
N THR E 83 29.40 -14.10 -4.56
CA THR E 83 29.87 -13.04 -5.45
C THR E 83 30.73 -13.64 -6.55
N GLY E 84 30.83 -12.90 -7.66
CA GLY E 84 31.57 -13.39 -8.81
C GLY E 84 33.00 -13.78 -8.47
N SER E 85 33.63 -13.01 -7.57
CA SER E 85 35.00 -13.32 -7.14
C SER E 85 35.05 -14.47 -6.15
N VAL E 86 33.92 -15.07 -5.81
CA VAL E 86 33.88 -16.18 -4.86
C VAL E 86 33.19 -17.42 -5.41
N LYS E 87 32.37 -17.30 -6.46
CA LYS E 87 31.67 -18.45 -7.00
C LYS E 87 32.65 -19.56 -7.35
N GLY E 88 32.29 -20.78 -7.00
CA GLY E 88 33.14 -21.94 -7.26
C GLY E 88 34.43 -21.97 -6.48
N ARG E 89 34.57 -21.14 -5.45
CA ARG E 89 35.77 -21.11 -4.62
C ARG E 89 35.48 -21.31 -3.15
N PHE E 90 34.38 -20.74 -2.63
CA PHE E 90 33.98 -20.92 -1.25
C PHE E 90 32.62 -21.60 -1.21
N THR E 91 32.35 -22.31 -0.11
CA THR E 91 31.11 -23.04 0.09
C THR E 91 30.51 -22.66 1.43
N ILE E 92 29.30 -22.11 1.42
CA ILE E 92 28.59 -21.73 2.62
C ILE E 92 27.66 -22.85 3.03
N SER E 93 27.46 -22.99 4.34
CA SER E 93 26.60 -24.04 4.87
C SER E 93 26.11 -23.64 6.25
N ARG E 94 24.96 -24.17 6.64
CA ARG E 94 24.38 -23.89 7.94
C ARG E 94 23.72 -25.16 8.48
N ASP E 95 23.58 -25.21 9.81
CA ASP E 95 22.90 -26.31 10.49
C ASP E 95 22.08 -25.72 11.63
N ASN E 96 20.77 -25.57 11.40
CA ASN E 96 19.88 -25.00 12.41
C ASN E 96 19.77 -25.86 13.66
N ALA E 97 20.26 -27.11 13.61
CA ALA E 97 20.14 -27.99 14.76
C ALA E 97 20.99 -27.52 15.94
N LYS E 98 21.96 -26.64 15.70
CA LYS E 98 22.81 -26.15 16.79
C LYS E 98 23.03 -24.65 16.71
N ASN E 99 22.40 -23.94 15.78
CA ASN E 99 22.55 -22.49 15.65
C ASN E 99 24.00 -22.12 15.40
N THR E 100 24.52 -22.62 14.28
CA THR E 100 25.90 -22.36 13.87
C THR E 100 25.97 -22.20 12.36
N LEU E 101 26.81 -21.27 11.92
CA LEU E 101 27.03 -21.00 10.51
C LEU E 101 28.45 -21.40 10.12
N TYR E 102 28.64 -21.75 8.85
CA TYR E 102 29.94 -22.18 8.36
C TYR E 102 30.20 -21.56 6.99
N LEU E 103 31.48 -21.46 6.65
CA LEU E 103 31.90 -20.95 5.36
C LEU E 103 33.20 -21.66 4.98
N GLN E 104 33.09 -22.69 4.16
CA GLN E 104 34.24 -23.50 3.78
C GLN E 104 35.00 -22.80 2.66
N MET E 105 36.24 -22.41 2.93
CA MET E 105 37.11 -21.77 1.95
C MET E 105 38.05 -22.81 1.37
N ASN E 106 37.84 -23.16 0.10
CA ASN E 106 38.63 -24.22 -0.52
C ASN E 106 40.00 -23.71 -0.95
N SER E 107 40.05 -22.57 -1.63
CA SER E 107 41.30 -22.02 -2.14
C SER E 107 41.26 -20.51 -1.96
N LEU E 108 42.20 -19.98 -1.17
CA LEU E 108 42.29 -18.55 -0.93
C LEU E 108 43.42 -17.95 -1.74
N LYS E 109 43.43 -16.62 -1.79
CA LYS E 109 44.44 -15.85 -2.50
C LYS E 109 44.80 -14.64 -1.67
N PRO E 110 45.93 -13.98 -1.96
CA PRO E 110 46.35 -12.84 -1.14
C PRO E 110 45.27 -11.77 -1.01
N GLU E 111 44.51 -11.50 -2.06
CA GLU E 111 43.48 -10.46 -2.01
C GLU E 111 42.32 -10.83 -1.10
N ASP E 112 42.25 -12.06 -0.62
CA ASP E 112 41.16 -12.48 0.26
C ASP E 112 41.35 -12.03 1.70
N THR E 113 42.51 -11.49 2.05
CA THR E 113 42.75 -11.05 3.42
C THR E 113 41.75 -9.97 3.81
N ALA E 114 40.94 -10.27 4.82
CA ALA E 114 39.93 -9.33 5.30
C ALA E 114 39.28 -9.91 6.55
N VAL E 115 38.66 -9.04 7.34
CA VAL E 115 37.95 -9.45 8.55
C VAL E 115 36.54 -9.85 8.13
N TYR E 116 36.24 -11.15 8.22
CA TYR E 116 34.95 -11.68 7.80
C TYR E 116 33.95 -11.53 8.94
N TYR E 117 32.89 -10.76 8.70
CA TYR E 117 31.82 -10.56 9.66
C TYR E 117 30.58 -11.35 9.26
N CYS E 118 29.86 -11.84 10.26
CA CYS E 118 28.62 -12.57 10.05
C CYS E 118 27.44 -11.60 10.20
N ALA E 119 26.65 -11.47 9.14
CA ALA E 119 25.54 -10.54 9.10
C ALA E 119 24.22 -11.31 9.06
N ARG E 120 23.27 -10.89 9.88
CA ARG E 120 21.96 -11.53 9.97
C ARG E 120 20.90 -10.64 9.34
N CYS E 121 19.84 -11.28 8.85
CA CYS E 121 18.74 -10.53 8.25
C CYS E 121 18.12 -9.60 9.28
N PRO E 122 17.70 -8.39 8.88
CA PRO E 122 17.12 -7.47 9.88
C PRO E 122 15.88 -8.04 10.56
N ALA E 123 14.95 -8.58 9.80
CA ALA E 123 13.69 -9.10 10.31
C ALA E 123 13.49 -10.55 9.89
N PRO E 124 12.69 -11.31 10.62
CA PRO E 124 12.46 -12.71 10.26
C PRO E 124 11.41 -12.85 9.16
N PHE E 125 11.43 -14.02 8.52
CA PHE E 125 10.47 -14.35 7.47
C PHE E 125 10.55 -13.38 6.30
N THR E 126 11.74 -12.81 6.07
CA THR E 126 11.95 -11.87 4.98
C THR E 126 13.25 -12.22 4.27
N ARG E 127 13.38 -11.73 3.04
CA ARG E 127 14.57 -11.95 2.23
C ARG E 127 15.24 -10.67 1.78
N ASP E 128 14.75 -9.50 2.22
CA ASP E 128 15.34 -8.22 1.87
C ASP E 128 16.33 -7.84 2.98
N CYS E 129 17.62 -7.89 2.67
CA CYS E 129 18.67 -7.62 3.63
C CYS E 129 19.22 -6.21 3.43
N PHE E 130 19.54 -5.56 4.55
CA PHE E 130 20.14 -4.23 4.54
C PHE E 130 21.29 -4.18 5.54
N ASP E 131 22.08 -5.26 5.61
CA ASP E 131 23.18 -5.38 6.55
C ASP E 131 24.52 -4.95 5.98
N VAL E 132 24.55 -4.46 4.74
CA VAL E 132 25.78 -3.99 4.13
C VAL E 132 26.03 -2.54 4.52
N THR E 133 25.20 -2.02 5.43
CA THR E 133 25.34 -0.64 5.89
C THR E 133 26.77 -0.40 6.39
N SER E 134 27.31 0.77 6.02
CA SER E 134 28.65 1.12 6.48
C SER E 134 28.67 1.45 7.97
N THR E 135 27.64 2.14 8.45
CA THR E 135 27.57 2.48 9.86
C THR E 135 27.46 1.21 10.70
N THR E 136 27.62 1.38 12.02
CA THR E 136 27.57 0.25 12.94
C THR E 136 26.25 -0.48 12.82
N TYR E 137 26.31 -1.74 12.40
CA TYR E 137 25.13 -2.58 12.27
C TYR E 137 24.89 -3.32 13.58
N ALA E 138 23.64 -3.28 14.05
CA ALA E 138 23.30 -3.81 15.37
C ALA E 138 23.18 -5.33 15.41
N TYR E 139 23.30 -6.00 14.27
CA TYR E 139 23.14 -7.45 14.20
C TYR E 139 24.28 -8.09 13.42
N ARG E 140 25.51 -7.69 13.75
CA ARG E 140 26.71 -8.30 13.19
C ARG E 140 27.71 -8.58 14.30
N GLY E 141 28.48 -9.65 14.13
CA GLY E 141 29.48 -10.04 15.11
C GLY E 141 30.72 -9.18 15.01
N GLN E 142 31.70 -9.52 15.85
CA GLN E 142 32.97 -8.80 15.87
C GLN E 142 33.87 -9.17 14.70
N GLY E 143 33.63 -10.31 14.07
CA GLY E 143 34.41 -10.72 12.92
C GLY E 143 35.68 -11.45 13.32
N THR E 144 36.24 -12.18 12.35
CA THR E 144 37.48 -12.92 12.53
C THR E 144 38.49 -12.46 11.50
N GLN E 145 39.72 -12.22 11.94
CA GLN E 145 40.76 -11.73 11.06
C GLN E 145 41.36 -12.90 10.27
N VAL E 146 41.33 -12.80 8.95
CA VAL E 146 41.90 -13.80 8.06
C VAL E 146 42.91 -13.11 7.15
N THR E 147 44.10 -13.68 7.06
CA THR E 147 45.18 -13.11 6.27
C THR E 147 45.84 -14.21 5.45
N VAL E 148 46.21 -13.86 4.21
CA VAL E 148 46.88 -14.78 3.30
C VAL E 148 48.15 -14.12 2.80
N SER E 149 49.28 -14.81 2.95
CA SER E 149 50.57 -14.27 2.53
C SER E 149 51.47 -15.42 2.10
N SER E 150 52.28 -15.18 1.08
CA SER E 150 53.19 -16.18 0.56
C SER E 150 54.41 -16.31 1.47
#